data_8AFI
#
_entry.id   8AFI
#
_cell.length_a   62.800
_cell.length_b   63.800
_cell.length_c   73.900
_cell.angle_alpha   64.500
_cell.angle_beta   86.500
_cell.angle_gamma   70.300
#
_symmetry.space_group_name_H-M   'P 1'
#
loop_
_entity.id
_entity.type
_entity.pdbx_description
1 polymer 'Gamma-aminobutyric acid receptor-associated protein'
2 polymer 'Ubiquitin-like-conjugating enzyme ATG3'
3 non-polymer 'ACETATE ION'
4 non-polymer GLYCEROL
5 water water
#
loop_
_entity_poly.entity_id
_entity_poly.type
_entity_poly.pdbx_seq_one_letter_code
_entity_poly.pdbx_strand_id
1 'polypeptide(L)'
;KFVYKEEHPFEKRRSEGEKIRKKYPDRVPVIVEKAPKARIGDLDKKKYLVPSDLTVGQFYFLIRKRIHLRAEDALFFFVN
NVIPPTSATMGQLYQEHHEEDFFLYIAYSDESVYG
;
A,C,E,G,I,K,M,O
2 'polypeptide(L)' YSDELEAIIEEDDGDGGWVDTYHG F,H,B,J,N,P,D,L
#
loop_
_chem_comp.id
_chem_comp.type
_chem_comp.name
_chem_comp.formula
ACT non-polymer 'ACETATE ION' 'C2 H3 O2 -1'
GOL non-polymer GLYCEROL 'C3 H8 O3'
#
# COMPACT_ATOMS: atom_id res chain seq x y z
N LYS A 1 -29.91 -2.44 3.92
CA LYS A 1 -28.88 -2.62 2.89
C LYS A 1 -29.25 -3.75 1.91
N PHE A 2 -29.04 -5.01 2.32
CA PHE A 2 -29.39 -6.15 1.47
C PHE A 2 -30.84 -6.57 1.69
N VAL A 3 -31.53 -6.87 0.58
CA VAL A 3 -32.91 -7.31 0.71
C VAL A 3 -32.98 -8.76 1.19
N TYR A 4 -31.93 -9.54 0.93
CA TYR A 4 -31.91 -10.92 1.39
C TYR A 4 -31.98 -11.01 2.92
N LYS A 5 -31.38 -10.05 3.62
CA LYS A 5 -31.39 -10.00 5.08
C LYS A 5 -32.74 -9.55 5.64
N GLU A 6 -33.56 -8.90 4.82
CA GLU A 6 -34.90 -8.46 5.17
C GLU A 6 -35.97 -9.48 4.79
N GLU A 7 -35.83 -10.09 3.61
CA GLU A 7 -36.75 -11.10 3.14
C GLU A 7 -36.59 -12.44 3.85
N HIS A 8 -35.56 -12.62 4.66
CA HIS A 8 -35.30 -13.85 5.38
C HIS A 8 -34.85 -13.49 6.78
N PRO A 9 -35.34 -14.20 7.81
CA PRO A 9 -34.98 -13.84 9.18
C PRO A 9 -33.53 -14.19 9.49
N PHE A 10 -33.00 -13.57 10.53
CA PHE A 10 -31.64 -13.91 10.92
C PHE A 10 -31.51 -15.39 11.31
N GLU A 11 -32.49 -15.93 12.06
CA GLU A 11 -32.37 -17.27 12.62
C GLU A 11 -32.38 -18.33 11.52
N LYS A 12 -33.25 -18.09 10.50
CA LYS A 12 -33.31 -19.00 9.34
C LYS A 12 -32.00 -18.95 8.58
N ARG A 13 -31.51 -17.73 8.34
CA ARG A 13 -30.28 -17.56 7.58
C ARG A 13 -29.11 -18.21 8.28
N ARG A 14 -29.00 -17.98 9.59
CA ARG A 14 -27.87 -18.52 10.33
C ARG A 14 -27.88 -20.04 10.31
N SER A 15 -29.07 -20.65 10.45
CA SER A 15 -29.12 -22.10 10.39
C SER A 15 -28.69 -22.63 9.03
N GLU A 16 -29.22 -22.05 7.94
CA GLU A 16 -28.82 -22.49 6.60
C GLU A 16 -27.32 -22.29 6.36
N GLY A 17 -26.76 -21.21 6.92
CA GLY A 17 -25.36 -20.91 6.66
C GLY A 17 -24.47 -21.90 7.33
N GLU A 18 -24.77 -22.23 8.60
CA GLU A 18 -24.06 -23.32 9.27
C GLU A 18 -24.20 -24.65 8.54
N LYS A 19 -25.41 -25.00 8.15
CA LYS A 19 -25.63 -26.23 7.38
C LYS A 19 -24.71 -26.27 6.16
N ILE A 20 -24.68 -25.19 5.38
CA ILE A 20 -23.88 -25.17 4.17
C ILE A 20 -22.39 -25.22 4.52
N ARG A 21 -21.97 -24.49 5.56
CA ARG A 21 -20.55 -24.48 5.90
C ARG A 21 -20.09 -25.86 6.34
N LYS A 22 -20.95 -26.63 7.00
CA LYS A 22 -20.56 -27.96 7.42
C LYS A 22 -20.65 -28.98 6.29
N LYS A 23 -21.60 -28.84 5.36
CA LYS A 23 -21.74 -29.82 4.29
C LYS A 23 -20.80 -29.56 3.13
N TYR A 24 -20.51 -28.29 2.81
CA TYR A 24 -19.63 -27.92 1.70
C TYR A 24 -18.45 -27.16 2.29
N PRO A 25 -17.58 -27.85 3.02
CA PRO A 25 -16.51 -27.13 3.73
C PRO A 25 -15.51 -26.46 2.82
N ASP A 26 -15.30 -26.97 1.60
CA ASP A 26 -14.39 -26.38 0.64
C ASP A 26 -15.02 -25.24 -0.12
N ARG A 27 -16.26 -24.88 0.20
CA ARG A 27 -16.93 -23.81 -0.53
C ARG A 27 -17.35 -22.68 0.41
N VAL A 28 -17.66 -21.54 -0.18
CA VAL A 28 -18.06 -20.33 0.55
C VAL A 28 -19.41 -19.93 0.06
N PRO A 29 -20.39 -19.67 0.94
CA PRO A 29 -21.71 -19.23 0.49
C PRO A 29 -21.71 -17.71 0.41
N VAL A 30 -22.15 -17.16 -0.72
CA VAL A 30 -22.09 -15.73 -0.97
C VAL A 30 -23.47 -15.28 -1.43
N ILE A 31 -23.98 -14.22 -0.81
CA ILE A 31 -25.19 -13.55 -1.28
C ILE A 31 -24.75 -12.36 -2.10
N VAL A 32 -25.29 -12.21 -3.30
CA VAL A 32 -24.86 -11.18 -4.23
C VAL A 32 -26.07 -10.33 -4.61
N GLU A 33 -25.97 -9.02 -4.40
CA GLU A 33 -27.05 -8.10 -4.75
C GLU A 33 -26.50 -6.88 -5.47
N LYS A 34 -27.38 -6.24 -6.23
CA LYS A 34 -27.08 -4.97 -6.88
C LYS A 34 -27.25 -3.82 -5.89
N ALA A 35 -26.27 -2.91 -5.87
CA ALA A 35 -26.39 -1.69 -5.09
C ALA A 35 -27.51 -0.81 -5.63
N PRO A 36 -28.16 -0.02 -4.76
CA PRO A 36 -29.31 0.79 -5.20
C PRO A 36 -29.01 1.74 -6.33
N LYS A 37 -27.93 2.54 -6.21
CA LYS A 37 -27.67 3.56 -7.22
C LYS A 37 -27.06 2.96 -8.46
N ALA A 38 -27.07 1.65 -8.57
CA ALA A 38 -26.40 0.98 -9.67
C ALA A 38 -27.33 0.99 -10.84
N ARG A 39 -26.79 1.27 -12.02
CA ARG A 39 -27.57 1.36 -13.26
C ARG A 39 -27.24 0.23 -14.23
N ILE A 40 -26.98 -0.95 -13.69
CA ILE A 40 -26.73 -2.13 -14.50
C ILE A 40 -27.82 -3.16 -14.24
N GLY A 41 -27.81 -4.20 -15.07
CA GLY A 41 -28.84 -5.22 -15.00
C GLY A 41 -28.74 -6.07 -13.74
N ASP A 42 -29.89 -6.64 -13.37
CA ASP A 42 -29.96 -7.38 -12.13
C ASP A 42 -29.66 -8.84 -12.36
N LEU A 43 -29.30 -9.52 -11.27
CA LEU A 43 -28.94 -10.92 -11.31
C LEU A 43 -30.15 -11.73 -10.79
N ASP A 44 -30.61 -12.68 -11.60
CA ASP A 44 -31.76 -13.51 -11.22
C ASP A 44 -31.46 -14.32 -9.97
N LYS A 45 -30.32 -14.97 -9.92
CA LYS A 45 -29.92 -15.73 -8.74
C LYS A 45 -29.07 -14.81 -7.89
N LYS A 46 -29.22 -14.93 -6.57
CA LYS A 46 -28.42 -14.12 -5.65
C LYS A 46 -27.49 -14.95 -4.80
N LYS A 47 -27.76 -16.23 -4.67
CA LYS A 47 -26.97 -17.12 -3.85
C LYS A 47 -25.99 -17.89 -4.70
N TYR A 48 -24.74 -17.92 -4.28
CA TYR A 48 -23.68 -18.55 -5.02
C TYR A 48 -22.85 -19.39 -4.06
N LEU A 49 -22.59 -20.64 -4.43
CA LEU A 49 -21.70 -21.53 -3.71
C LEU A 49 -20.41 -21.53 -4.50
N VAL A 50 -19.38 -20.88 -3.96
CA VAL A 50 -18.19 -20.69 -4.76
C VAL A 50 -16.97 -21.34 -4.11
N PRO A 51 -16.05 -21.91 -4.90
CA PRO A 51 -14.81 -22.44 -4.31
C PRO A 51 -14.05 -21.40 -3.51
N SER A 52 -13.62 -21.78 -2.31
CA SER A 52 -12.88 -20.84 -1.46
C SER A 52 -11.60 -20.34 -2.12
N ASP A 53 -11.13 -21.00 -3.17
CA ASP A 53 -9.95 -20.51 -3.87
C ASP A 53 -10.33 -19.56 -5.02
N LEU A 54 -11.62 -19.43 -5.34
CA LEU A 54 -12.01 -18.50 -6.39
C LEU A 54 -11.60 -17.09 -6.02
N THR A 55 -11.16 -16.34 -7.01
CA THR A 55 -10.66 -14.99 -6.82
C THR A 55 -11.74 -13.95 -7.12
N VAL A 56 -11.53 -12.75 -6.58
CA VAL A 56 -12.43 -11.65 -6.88
C VAL A 56 -12.51 -11.40 -8.38
N GLY A 57 -11.37 -11.47 -9.09
CA GLY A 57 -11.35 -11.26 -10.53
C GLY A 57 -12.09 -12.33 -11.31
N GLN A 58 -11.91 -13.59 -10.91
CA GLN A 58 -12.71 -14.67 -11.51
C GLN A 58 -14.20 -14.44 -11.26
N PHE A 59 -14.56 -14.01 -10.05
CA PHE A 59 -15.97 -13.75 -9.74
C PHE A 59 -16.48 -12.57 -10.56
N TYR A 60 -15.67 -11.52 -10.73
CA TYR A 60 -16.04 -10.40 -11.60
C TYR A 60 -16.43 -10.94 -12.97
N PHE A 61 -15.60 -11.86 -13.49
CA PHE A 61 -15.82 -12.37 -14.81
C PHE A 61 -17.10 -13.16 -14.93
N LEU A 62 -17.33 -14.05 -13.96
CA LEU A 62 -18.55 -14.83 -14.03
C LEU A 62 -19.78 -13.93 -13.93
N ILE A 63 -19.78 -12.97 -13.00
CA ILE A 63 -20.97 -12.13 -12.84
C ILE A 63 -21.19 -11.29 -14.08
N ARG A 64 -20.11 -10.81 -14.69
CA ARG A 64 -20.22 -10.10 -15.96
C ARG A 64 -20.93 -10.95 -16.98
N LYS A 65 -20.51 -12.22 -17.11
CA LYS A 65 -21.15 -13.13 -18.05
C LYS A 65 -22.63 -13.31 -17.71
N ARG A 66 -22.94 -13.52 -16.43
CA ARG A 66 -24.29 -13.86 -16.00
C ARG A 66 -25.30 -12.72 -16.14
N ILE A 67 -24.88 -11.46 -16.14
CA ILE A 67 -25.82 -10.38 -16.40
C ILE A 67 -25.66 -9.80 -17.80
N HIS A 68 -24.99 -10.50 -18.70
CA HIS A 68 -24.87 -10.05 -20.08
C HIS A 68 -24.28 -8.64 -20.11
N LEU A 69 -23.13 -8.48 -19.48
CA LEU A 69 -22.46 -7.19 -19.37
C LEU A 69 -21.39 -7.10 -20.46
N ARG A 70 -21.35 -5.98 -21.17
CA ARG A 70 -20.29 -5.72 -22.12
C ARG A 70 -19.02 -5.28 -21.41
N ALA A 71 -17.92 -5.34 -22.15
CA ALA A 71 -16.65 -4.88 -21.59
C ALA A 71 -16.64 -3.36 -21.46
N GLU A 72 -17.28 -2.65 -22.39
CA GLU A 72 -17.38 -1.19 -22.24
C GLU A 72 -18.12 -0.83 -20.95
N ASP A 73 -18.96 -1.74 -20.43
CA ASP A 73 -19.65 -1.47 -19.17
C ASP A 73 -18.74 -1.79 -17.99
N ALA A 74 -18.85 -0.97 -16.95
CA ALA A 74 -18.06 -1.16 -15.75
C ALA A 74 -18.81 -2.04 -14.74
N LEU A 75 -18.03 -2.71 -13.87
CA LEU A 75 -18.57 -3.48 -12.76
C LEU A 75 -17.62 -3.41 -11.57
N PHE A 76 -18.16 -3.08 -10.41
CA PHE A 76 -17.40 -3.06 -9.17
C PHE A 76 -18.12 -3.89 -8.12
N PHE A 77 -17.35 -4.62 -7.33
CA PHE A 77 -17.84 -5.30 -6.14
C PHE A 77 -17.54 -4.45 -4.90
N PHE A 78 -18.45 -4.54 -3.92
CA PHE A 78 -18.30 -3.88 -2.62
C PHE A 78 -18.56 -4.89 -1.52
N VAL A 79 -17.59 -5.05 -0.63
CA VAL A 79 -17.68 -5.85 0.59
C VAL A 79 -17.59 -4.90 1.78
N ASN A 80 -18.75 -4.48 2.31
CA ASN A 80 -18.85 -3.52 3.42
C ASN A 80 -18.52 -2.12 2.92
N ASN A 81 -19.05 -1.77 1.75
CA ASN A 81 -18.80 -0.46 1.14
C ASN A 81 -17.36 -0.27 0.72
N VAL A 82 -16.60 -1.35 0.54
CA VAL A 82 -15.21 -1.29 0.13
C VAL A 82 -14.97 -2.28 -1.02
N ILE A 83 -14.31 -1.81 -2.07
CA ILE A 83 -14.01 -2.64 -3.22
C ILE A 83 -12.96 -3.65 -2.78
N PRO A 84 -13.23 -4.97 -2.91
CA PRO A 84 -12.26 -5.95 -2.47
C PRO A 84 -11.09 -6.00 -3.44
N PRO A 85 -9.90 -6.37 -2.97
CA PRO A 85 -8.78 -6.55 -3.89
C PRO A 85 -9.10 -7.69 -4.85
N THR A 86 -8.78 -7.49 -6.12
CA THR A 86 -9.06 -8.53 -7.09
C THR A 86 -8.21 -9.77 -6.90
N SER A 87 -7.05 -9.64 -6.26
CA SER A 87 -6.21 -10.80 -5.97
C SER A 87 -6.76 -11.64 -4.81
N ALA A 88 -7.78 -11.14 -4.10
CA ALA A 88 -8.26 -11.84 -2.91
C ALA A 88 -9.09 -13.07 -3.27
N THR A 89 -9.01 -14.08 -2.39
CA THR A 89 -9.80 -15.28 -2.56
C THR A 89 -11.14 -15.13 -1.84
N MET A 90 -12.18 -15.77 -2.41
CA MET A 90 -13.48 -15.73 -1.76
C MET A 90 -13.40 -16.32 -0.36
N GLY A 91 -12.56 -17.33 -0.17
CA GLY A 91 -12.38 -17.87 1.17
C GLY A 91 -11.81 -16.86 2.14
N GLN A 92 -10.75 -16.16 1.74
CA GLN A 92 -10.17 -15.15 2.60
C GLN A 92 -11.23 -14.07 2.89
N LEU A 93 -11.98 -13.69 1.86
CA LEU A 93 -12.99 -12.67 2.11
C LEU A 93 -14.00 -13.16 3.13
N TYR A 94 -14.39 -14.43 3.04
CA TYR A 94 -15.34 -15.01 3.98
C TYR A 94 -14.76 -15.02 5.39
N GLN A 95 -13.55 -15.54 5.53
CA GLN A 95 -12.90 -15.57 6.82
C GLN A 95 -12.89 -14.19 7.49
N GLU A 96 -12.73 -13.14 6.70
CA GLU A 96 -12.64 -11.80 7.27
C GLU A 96 -13.97 -11.06 7.40
N HIS A 97 -14.91 -11.30 6.50
CA HIS A 97 -16.10 -10.46 6.41
C HIS A 97 -17.40 -11.24 6.40
N HIS A 98 -17.38 -12.54 6.66
CA HIS A 98 -18.66 -13.23 6.72
C HIS A 98 -19.44 -12.64 7.88
N GLU A 99 -20.72 -12.42 7.66
CA GLU A 99 -21.57 -11.92 8.73
C GLU A 99 -21.86 -13.02 9.73
N GLU A 100 -22.69 -12.71 10.72
CA GLU A 100 -22.96 -13.71 11.74
C GLU A 100 -23.90 -14.81 11.25
N ASP A 101 -24.58 -14.64 10.10
CA ASP A 101 -25.36 -15.73 9.55
C ASP A 101 -24.52 -16.68 8.72
N PHE A 102 -23.20 -16.48 8.66
CA PHE A 102 -22.27 -17.36 7.96
C PHE A 102 -22.37 -17.26 6.44
N PHE A 103 -22.94 -16.17 5.94
CA PHE A 103 -22.92 -15.83 4.53
C PHE A 103 -21.93 -14.69 4.31
N LEU A 104 -21.36 -14.62 3.11
CA LEU A 104 -20.59 -13.46 2.68
C LEU A 104 -21.51 -12.64 1.79
N TYR A 105 -21.67 -11.36 2.11
CA TYR A 105 -22.51 -10.46 1.35
C TYR A 105 -21.64 -9.56 0.46
N ILE A 106 -22.03 -9.44 -0.81
CA ILE A 106 -21.31 -8.64 -1.80
C ILE A 106 -22.30 -7.83 -2.63
N ALA A 107 -22.10 -6.53 -2.70
CA ALA A 107 -22.87 -5.71 -3.62
C ALA A 107 -22.09 -5.48 -4.91
N TYR A 108 -22.82 -5.18 -5.97
CA TYR A 108 -22.14 -4.82 -7.21
C TYR A 108 -22.80 -3.59 -7.80
N SER A 109 -22.00 -2.75 -8.44
CA SER A 109 -22.53 -1.55 -9.04
C SER A 109 -21.76 -1.21 -10.30
N ASP A 110 -22.34 -0.33 -11.11
CA ASP A 110 -21.61 0.25 -12.21
C ASP A 110 -20.74 1.41 -11.78
N GLU A 111 -20.84 1.84 -10.52
CA GLU A 111 -20.05 2.96 -10.01
C GLU A 111 -19.02 2.47 -8.99
N SER A 112 -17.94 3.23 -8.83
CA SER A 112 -16.86 2.81 -7.94
C SER A 112 -17.14 3.15 -6.48
N VAL A 113 -18.26 3.79 -6.21
CA VAL A 113 -18.70 4.13 -4.87
C VAL A 113 -20.08 3.53 -4.65
N TYR A 114 -20.25 2.81 -3.53
CA TYR A 114 -21.52 2.19 -3.22
C TYR A 114 -22.58 3.27 -3.03
N GLY A 115 -23.80 2.92 -3.41
CA GLY A 115 -24.93 3.84 -3.30
C GLY A 115 -26.29 3.19 -3.51
N PHE B 2 -14.00 -3.07 16.01
CA PHE B 2 -14.43 -2.51 17.30
C PHE B 2 -14.06 -3.38 18.49
N VAL B 3 -13.60 -2.72 19.55
CA VAL B 3 -13.26 -3.43 20.77
C VAL B 3 -14.51 -3.89 21.48
N TYR B 4 -15.62 -3.17 21.31
CA TYR B 4 -16.86 -3.59 21.94
C TYR B 4 -17.33 -4.94 21.42
N LYS B 5 -17.06 -5.24 20.13
CA LYS B 5 -17.47 -6.51 19.55
C LYS B 5 -16.60 -7.69 20.01
N GLU B 6 -15.42 -7.43 20.54
CA GLU B 6 -14.61 -8.50 21.11
C GLU B 6 -14.86 -8.69 22.60
N GLU B 7 -15.00 -7.60 23.35
CA GLU B 7 -15.27 -7.74 24.77
C GLU B 7 -16.65 -8.29 25.02
N HIS B 8 -17.49 -8.41 23.99
CA HIS B 8 -18.83 -8.90 24.17
C HIS B 8 -19.15 -9.93 23.09
N PRO B 9 -19.71 -11.09 23.44
CA PRO B 9 -20.06 -12.08 22.42
C PRO B 9 -21.33 -11.67 21.67
N PHE B 10 -21.48 -12.26 20.48
CA PHE B 10 -22.52 -11.79 19.58
C PHE B 10 -23.92 -11.97 20.15
N GLU B 11 -24.24 -13.15 20.66
CA GLU B 11 -25.63 -13.40 21.05
C GLU B 11 -26.04 -12.50 22.23
N LYS B 12 -25.12 -12.24 23.15
CA LYS B 12 -25.40 -11.28 24.20
C LYS B 12 -25.68 -9.90 23.60
N ARG B 13 -24.86 -9.49 22.64
CA ARG B 13 -25.06 -8.18 22.03
C ARG B 13 -26.41 -8.13 21.34
N ARG B 14 -26.75 -9.17 20.60
CA ARG B 14 -28.01 -9.20 19.87
C ARG B 14 -29.20 -9.20 20.82
N SER B 15 -29.12 -9.97 21.91
CA SER B 15 -30.22 -9.97 22.88
C SER B 15 -30.40 -8.57 23.48
N GLU B 16 -29.30 -7.92 23.86
CA GLU B 16 -29.39 -6.57 24.42
C GLU B 16 -29.98 -5.59 23.42
N GLY B 17 -29.56 -5.69 22.15
CA GLY B 17 -30.07 -4.77 21.13
C GLY B 17 -31.53 -5.00 20.82
N GLU B 18 -31.95 -6.25 20.73
CA GLU B 18 -33.34 -6.58 20.55
C GLU B 18 -34.17 -6.03 21.71
N LYS B 19 -33.68 -6.19 22.95
CA LYS B 19 -34.40 -5.64 24.10
C LYS B 19 -34.53 -4.12 24.00
N ILE B 20 -33.44 -3.43 23.69
CA ILE B 20 -33.47 -1.96 23.68
C ILE B 20 -34.35 -1.45 22.53
N ARG B 21 -34.25 -2.09 21.37
CA ARG B 21 -35.06 -1.67 20.23
C ARG B 21 -36.54 -1.87 20.48
N LYS B 22 -36.92 -2.95 21.14
CA LYS B 22 -38.33 -3.16 21.40
C LYS B 22 -38.78 -2.23 22.52
N LYS B 23 -37.88 -1.91 23.45
CA LYS B 23 -38.22 -1.07 24.59
C LYS B 23 -38.23 0.41 24.25
N TYR B 24 -37.29 0.86 23.42
CA TYR B 24 -37.17 2.26 23.02
C TYR B 24 -37.21 2.38 21.51
N PRO B 25 -38.38 2.12 20.91
CA PRO B 25 -38.47 2.16 19.44
C PRO B 25 -38.23 3.54 18.85
N ASP B 26 -38.42 4.60 19.62
CA ASP B 26 -38.20 5.96 19.11
C ASP B 26 -36.74 6.41 19.18
N ARG B 27 -35.83 5.60 19.71
CA ARG B 27 -34.40 5.92 19.74
C ARG B 27 -33.62 4.73 19.19
N VAL B 28 -32.37 4.98 18.82
CA VAL B 28 -31.51 3.95 18.22
C VAL B 28 -30.25 3.80 19.07
N PRO B 29 -29.78 2.58 19.30
CA PRO B 29 -28.55 2.37 20.08
C PRO B 29 -27.31 2.40 19.22
N VAL B 30 -26.29 3.12 19.71
CA VAL B 30 -25.08 3.45 18.96
C VAL B 30 -23.84 3.15 19.79
N ILE B 31 -22.91 2.42 19.21
CA ILE B 31 -21.57 2.25 19.78
C ILE B 31 -20.62 3.20 19.07
N VAL B 32 -19.88 3.99 19.85
CA VAL B 32 -18.95 5.01 19.35
C VAL B 32 -17.59 4.70 19.91
N GLU B 33 -16.59 4.53 19.04
CA GLU B 33 -15.22 4.25 19.45
C GLU B 33 -14.23 5.14 18.71
N LYS B 34 -13.08 5.35 19.32
CA LYS B 34 -12.00 6.09 18.69
C LYS B 34 -11.23 5.19 17.72
N ALA B 35 -10.95 5.71 16.53
CA ALA B 35 -10.08 4.99 15.61
C ALA B 35 -8.68 4.89 16.25
N PRO B 36 -7.98 3.78 16.03
CA PRO B 36 -6.68 3.62 16.73
C PRO B 36 -5.68 4.73 16.44
N LYS B 37 -5.47 5.07 15.19
CA LYS B 37 -4.46 6.06 14.86
C LYS B 37 -4.95 7.50 15.08
N ALA B 38 -5.98 7.72 15.88
CA ALA B 38 -6.50 9.07 16.08
C ALA B 38 -5.66 9.78 17.12
N ARG B 39 -5.43 11.08 16.91
CA ARG B 39 -4.70 11.90 17.87
C ARG B 39 -5.66 12.76 18.70
N ILE B 40 -6.86 12.23 18.96
CA ILE B 40 -7.89 12.86 19.76
C ILE B 40 -8.16 11.97 20.97
N GLY B 41 -8.81 12.55 21.97
CA GLY B 41 -9.06 11.84 23.21
C GLY B 41 -10.15 10.79 23.12
N ASP B 42 -10.08 9.83 24.03
CA ASP B 42 -11.02 8.71 24.06
C ASP B 42 -12.20 9.00 24.98
N LEU B 43 -13.24 8.16 24.83
CA LEU B 43 -14.53 8.33 25.48
C LEU B 43 -14.74 7.36 26.62
N ASP B 44 -15.21 7.87 27.76
CA ASP B 44 -15.58 6.98 28.87
C ASP B 44 -16.65 5.98 28.44
N LYS B 45 -17.70 6.47 27.80
CA LYS B 45 -18.84 5.67 27.40
C LYS B 45 -18.77 5.33 25.91
N LYS B 46 -19.22 4.11 25.60
CA LYS B 46 -19.29 3.61 24.24
C LYS B 46 -20.72 3.39 23.79
N LYS B 47 -21.66 3.23 24.74
CA LYS B 47 -23.06 2.90 24.47
C LYS B 47 -23.86 4.18 24.60
N TYR B 48 -24.62 4.52 23.56
CA TYR B 48 -25.41 5.74 23.49
C TYR B 48 -26.79 5.44 22.95
N LEU B 49 -27.84 5.94 23.59
CA LEU B 49 -29.19 5.84 23.08
C LEU B 49 -29.59 7.20 22.51
N VAL B 50 -29.83 7.25 21.21
CA VAL B 50 -29.98 8.55 20.53
C VAL B 50 -31.36 8.73 19.91
N PRO B 51 -31.95 9.92 19.96
CA PRO B 51 -33.20 10.15 19.22
C PRO B 51 -33.02 9.90 17.73
N SER B 52 -33.90 9.06 17.16
CA SER B 52 -33.83 8.78 15.73
C SER B 52 -34.00 10.04 14.89
N ASP B 53 -34.49 11.12 15.49
CA ASP B 53 -34.65 12.39 14.79
C ASP B 53 -33.44 13.30 14.90
N LEU B 54 -32.47 12.98 15.77
CA LEU B 54 -31.24 13.75 15.82
C LEU B 54 -30.50 13.61 14.49
N THR B 55 -29.80 14.66 14.09
CA THR B 55 -29.10 14.57 12.82
C THR B 55 -27.68 14.09 13.09
N VAL B 56 -27.05 13.54 12.06
CA VAL B 56 -25.64 13.19 12.17
C VAL B 56 -24.84 14.41 12.59
N GLY B 57 -25.22 15.59 12.09
CA GLY B 57 -24.51 16.79 12.47
C GLY B 57 -24.70 17.13 13.93
N GLN B 58 -25.92 17.00 14.42
CA GLN B 58 -26.18 17.21 15.83
C GLN B 58 -25.41 16.20 16.66
N PHE B 59 -25.39 14.92 16.25
CA PHE B 59 -24.63 13.92 16.99
C PHE B 59 -23.14 14.21 16.95
N TYR B 60 -22.68 14.64 15.79
CA TYR B 60 -21.29 15.06 15.61
C TYR B 60 -20.94 16.11 16.64
N PHE B 61 -21.81 17.11 16.78
CA PHE B 61 -21.56 18.16 17.77
C PHE B 61 -21.64 17.60 19.21
N LEU B 62 -22.59 16.68 19.47
CA LEU B 62 -22.74 16.02 20.77
C LEU B 62 -21.47 15.29 21.17
N ILE B 63 -20.91 14.50 20.22
CA ILE B 63 -19.69 13.73 20.44
C ILE B 63 -18.50 14.65 20.56
N ARG B 64 -18.47 15.71 19.75
CA ARG B 64 -17.42 16.70 19.84
C ARG B 64 -17.39 17.32 21.23
N LYS B 65 -18.55 17.74 21.74
CA LYS B 65 -18.58 18.31 23.08
C LYS B 65 -18.14 17.26 24.11
N ARG B 66 -18.70 16.06 24.05
CA ARG B 66 -18.35 15.10 25.08
C ARG B 66 -16.86 14.76 25.07
N ILE B 67 -16.17 15.01 23.95
CA ILE B 67 -14.73 14.72 23.86
C ILE B 67 -13.87 15.95 24.12
N HIS B 68 -14.46 17.03 24.61
CA HIS B 68 -13.70 18.21 25.02
C HIS B 68 -12.72 18.60 23.92
N LEU B 69 -13.30 18.84 22.77
CA LEU B 69 -12.56 19.13 21.56
C LEU B 69 -12.54 20.65 21.35
N ARG B 70 -11.38 21.16 20.96
CA ARG B 70 -11.32 22.55 20.54
C ARG B 70 -11.99 22.65 19.18
N ALA B 71 -12.25 23.89 18.75
CA ALA B 71 -12.90 24.10 17.46
C ALA B 71 -11.97 23.84 16.28
N GLU B 72 -10.70 24.24 16.38
CA GLU B 72 -9.75 23.93 15.32
C GLU B 72 -9.46 22.43 15.17
N ASP B 73 -9.81 21.61 16.16
CA ASP B 73 -9.58 20.17 16.07
C ASP B 73 -10.60 19.55 15.13
N ALA B 74 -10.16 18.58 14.34
CA ALA B 74 -10.99 17.91 13.35
C ALA B 74 -11.72 16.71 13.96
N LEU B 75 -12.84 16.35 13.33
CA LEU B 75 -13.56 15.15 13.74
C LEU B 75 -14.22 14.53 12.51
N PHE B 76 -13.99 13.24 12.29
CA PHE B 76 -14.60 12.49 11.21
C PHE B 76 -15.26 11.25 11.78
N PHE B 77 -16.48 10.95 11.29
CA PHE B 77 -17.17 9.70 11.61
C PHE B 77 -16.99 8.67 10.48
N PHE B 78 -16.89 7.39 10.86
CA PHE B 78 -16.83 6.27 9.92
C PHE B 78 -17.88 5.25 10.33
N VAL B 79 -18.88 5.03 9.49
CA VAL B 79 -19.90 3.99 9.71
C VAL B 79 -19.79 2.97 8.58
N ASN B 80 -19.12 1.85 8.84
CA ASN B 80 -18.99 0.78 7.84
C ASN B 80 -18.12 1.28 6.69
N ASN B 81 -17.02 1.92 7.04
CA ASN B 81 -16.03 2.41 6.10
C ASN B 81 -16.47 3.59 5.25
N VAL B 82 -17.55 4.27 5.62
CA VAL B 82 -18.01 5.42 4.86
C VAL B 82 -18.30 6.58 5.80
N ILE B 83 -17.87 7.78 5.39
CA ILE B 83 -18.16 9.01 6.10
C ILE B 83 -19.63 9.34 5.84
N PRO B 84 -20.47 9.36 6.88
CA PRO B 84 -21.90 9.55 6.67
C PRO B 84 -22.24 11.00 6.36
N PRO B 85 -23.32 11.23 5.60
CA PRO B 85 -23.78 12.61 5.37
C PRO B 85 -24.28 13.21 6.67
N THR B 86 -23.96 14.49 6.84
CA THR B 86 -24.38 15.16 8.08
C THR B 86 -25.87 15.44 8.13
N SER B 87 -26.52 15.58 6.99
CA SER B 87 -27.93 15.91 7.00
C SER B 87 -28.80 14.73 7.36
N ALA B 88 -28.24 13.53 7.46
CA ALA B 88 -29.04 12.34 7.70
C ALA B 88 -29.47 12.24 9.15
N THR B 89 -30.61 11.59 9.37
CA THR B 89 -31.05 11.35 10.73
C THR B 89 -30.35 10.09 11.25
N MET B 90 -30.08 10.08 12.56
CA MET B 90 -29.51 8.90 13.15
C MET B 90 -30.38 7.69 12.90
N GLY B 91 -31.71 7.89 12.79
CA GLY B 91 -32.58 6.76 12.47
C GLY B 91 -32.31 6.17 11.10
N GLN B 92 -32.14 7.04 10.10
CA GLN B 92 -31.79 6.60 8.75
C GLN B 92 -30.42 5.93 8.74
N LEU B 93 -29.44 6.52 9.43
CA LEU B 93 -28.13 5.91 9.49
C LEU B 93 -28.27 4.49 10.09
N TYR B 94 -29.15 4.35 11.11
CA TYR B 94 -29.33 3.06 11.78
C TYR B 94 -29.92 2.03 10.86
N GLN B 95 -31.06 2.36 10.26
CA GLN B 95 -31.71 1.39 9.36
C GLN B 95 -30.79 0.91 8.23
N GLU B 96 -29.90 1.76 7.73
CA GLU B 96 -29.05 1.31 6.64
C GLU B 96 -27.80 0.58 7.12
N HIS B 97 -27.25 0.97 8.27
CA HIS B 97 -25.97 0.41 8.71
C HIS B 97 -26.04 -0.40 10.02
N HIS B 98 -27.23 -0.67 10.56
CA HIS B 98 -27.28 -1.46 11.80
C HIS B 98 -26.76 -2.85 11.48
N GLU B 99 -25.92 -3.38 12.38
CA GLU B 99 -25.41 -4.74 12.32
C GLU B 99 -26.49 -5.71 12.80
N GLU B 100 -26.19 -7.01 12.78
CA GLU B 100 -27.21 -7.99 13.11
C GLU B 100 -27.46 -8.08 14.61
N ASP B 101 -26.59 -7.49 15.46
CA ASP B 101 -26.93 -7.42 16.88
C ASP B 101 -27.87 -6.25 17.20
N PHE B 102 -28.35 -5.55 16.16
CA PHE B 102 -29.25 -4.41 16.27
C PHE B 102 -28.55 -3.12 16.73
N PHE B 103 -27.22 -3.09 16.71
CA PHE B 103 -26.49 -1.89 17.10
C PHE B 103 -25.93 -1.17 15.87
N LEU B 104 -25.82 0.16 15.97
CA LEU B 104 -25.17 0.98 14.97
C LEU B 104 -23.80 1.37 15.48
N TYR B 105 -22.75 1.01 14.72
CA TYR B 105 -21.36 1.25 15.11
C TYR B 105 -20.81 2.45 14.34
N ILE B 106 -20.13 3.35 15.06
CA ILE B 106 -19.57 4.57 14.49
C ILE B 106 -18.17 4.74 15.07
N ALA B 107 -17.18 4.76 14.21
CA ALA B 107 -15.82 5.07 14.61
C ALA B 107 -15.56 6.55 14.39
N TYR B 108 -14.59 7.11 15.10
CA TYR B 108 -14.30 8.52 14.93
C TYR B 108 -12.79 8.71 14.97
N SER B 109 -12.32 9.69 14.19
CA SER B 109 -10.89 9.99 14.10
C SER B 109 -10.69 11.47 13.87
N ASP B 110 -9.46 11.93 14.10
CA ASP B 110 -9.06 13.27 13.70
C ASP B 110 -8.74 13.32 12.23
N GLU B 111 -8.63 12.16 11.58
CA GLU B 111 -8.29 12.02 10.17
C GLU B 111 -9.47 11.48 9.38
N SER B 112 -9.43 11.79 8.08
CA SER B 112 -10.48 11.38 7.14
C SER B 112 -10.30 9.95 6.66
N VAL B 113 -9.27 9.25 7.12
CA VAL B 113 -9.08 7.84 6.82
C VAL B 113 -8.95 7.05 8.12
N TYR B 114 -9.77 6.01 8.26
CA TYR B 114 -9.74 5.16 9.44
C TYR B 114 -8.42 4.39 9.49
N GLY B 115 -7.80 4.40 10.66
CA GLY B 115 -6.52 3.74 10.82
C GLY B 115 -6.20 3.57 12.28
N ALA C 7 11.46 -9.75 13.40
CA ALA C 7 10.05 -9.40 13.51
C ALA C 7 9.20 -10.67 13.60
N ILE C 8 9.35 -11.39 14.70
CA ILE C 8 8.66 -12.66 14.93
C ILE C 8 7.31 -12.44 15.58
N ILE C 9 6.27 -13.15 15.12
CA ILE C 9 4.95 -13.04 15.72
C ILE C 9 4.68 -14.37 16.43
N GLU C 10 3.92 -14.31 17.52
CA GLU C 10 3.56 -15.47 18.37
C GLU C 10 4.85 -16.10 18.89
N GLU C 11 5.82 -15.25 19.28
CA GLU C 11 7.12 -15.71 19.78
C GLU C 11 6.97 -16.29 21.19
N ASP C 12 6.45 -17.51 21.23
CA ASP C 12 6.20 -18.20 22.50
C ASP C 12 7.00 -19.50 22.62
N ASP C 13 8.01 -19.67 21.78
CA ASP C 13 8.90 -20.84 21.77
C ASP C 13 8.13 -22.14 21.56
N GLY C 14 6.83 -22.06 21.23
CA GLY C 14 6.09 -23.25 20.90
C GLY C 14 6.79 -24.03 19.82
N ASP C 15 7.27 -23.32 18.79
CA ASP C 15 8.08 -23.87 17.71
C ASP C 15 9.23 -22.98 17.28
N GLY C 16 9.29 -21.74 17.73
CA GLY C 16 10.35 -20.84 17.30
C GLY C 16 9.76 -19.53 16.82
N GLY C 17 8.45 -19.49 16.79
CA GLY C 17 7.72 -18.32 16.33
C GLY C 17 7.60 -18.31 14.82
N TRP C 18 6.71 -17.45 14.35
CA TRP C 18 6.50 -17.27 12.92
C TRP C 18 7.19 -16.00 12.44
N VAL C 19 7.80 -16.05 11.26
CA VAL C 19 8.39 -14.86 10.67
C VAL C 19 7.29 -14.02 10.01
N ASP C 20 7.08 -12.82 10.53
CA ASP C 20 6.09 -11.88 10.01
C ASP C 20 6.71 -11.08 8.87
N THR C 21 6.03 -11.06 7.72
CA THR C 21 6.53 -10.38 6.53
C THR C 21 5.60 -9.22 6.21
N TYR C 22 6.18 -8.09 5.81
CA TYR C 22 5.43 -6.91 5.41
C TYR C 22 4.24 -7.24 4.51
N ASP D 15 9.70 10.84 -26.81
CA ASP D 15 9.48 9.50 -26.25
C ASP D 15 9.64 8.55 -27.46
N GLY D 16 8.63 8.51 -28.32
CA GLY D 16 8.69 7.67 -29.51
C GLY D 16 7.49 7.86 -30.43
N GLY D 17 7.18 9.11 -30.74
CA GLY D 17 6.02 9.42 -31.55
C GLY D 17 4.72 9.22 -30.77
N TRP D 18 3.62 9.51 -31.44
CA TRP D 18 2.29 9.35 -30.90
C TRP D 18 1.61 8.13 -31.50
N VAL D 19 0.31 8.01 -31.23
CA VAL D 19 -0.44 6.84 -31.67
C VAL D 19 -1.88 7.14 -32.05
N ASP D 20 -2.25 6.90 -33.30
CA ASP D 20 -3.60 7.12 -33.74
C ASP D 20 -4.44 5.88 -33.40
N THR D 21 -5.63 6.11 -32.84
CA THR D 21 -6.58 5.05 -32.49
C THR D 21 -7.81 5.21 -33.38
N TYR D 22 -8.15 4.14 -34.11
CA TYR D 22 -9.09 4.21 -35.23
C TYR D 22 -10.39 4.88 -34.83
N GLU E 6 -26.37 -25.24 -16.39
CA GLU E 6 -26.54 -24.52 -15.13
C GLU E 6 -26.85 -25.47 -13.97
N ALA E 7 -25.91 -25.61 -13.05
CA ALA E 7 -26.07 -26.48 -11.88
C ALA E 7 -26.52 -25.64 -10.69
N ILE E 8 -27.57 -26.11 -10.01
CA ILE E 8 -28.10 -25.47 -8.82
C ILE E 8 -28.08 -26.48 -7.67
N ILE E 9 -27.61 -26.05 -6.50
CA ILE E 9 -27.45 -26.94 -5.36
C ILE E 9 -28.50 -26.61 -4.30
N GLU E 10 -29.05 -27.65 -3.68
CA GLU E 10 -30.05 -27.49 -2.64
C GLU E 10 -31.20 -26.60 -3.12
N GLU E 11 -31.76 -26.95 -4.28
CA GLU E 11 -32.87 -26.19 -4.82
C GLU E 11 -34.17 -26.43 -4.05
N ASP E 12 -34.28 -27.54 -3.32
CA ASP E 12 -35.48 -27.81 -2.53
C ASP E 12 -35.77 -26.65 -1.57
N ASP E 13 -34.77 -26.21 -0.79
CA ASP E 13 -34.92 -24.99 0.01
C ASP E 13 -35.58 -23.93 -0.85
N GLY E 14 -36.56 -23.24 -0.28
CA GLY E 14 -37.32 -22.27 -1.05
C GLY E 14 -36.64 -20.94 -1.27
N ASP E 15 -35.43 -21.05 -1.87
CA ASP E 15 -34.55 -19.93 -2.19
C ASP E 15 -33.99 -19.96 -3.61
N GLY E 16 -34.57 -20.72 -4.51
CA GLY E 16 -34.01 -20.78 -5.83
C GLY E 16 -32.79 -21.65 -5.90
N GLY E 17 -32.23 -22.03 -4.76
CA GLY E 17 -31.04 -22.85 -4.71
C GLY E 17 -29.78 -22.02 -4.74
N TRP E 18 -28.67 -22.73 -4.70
CA TRP E 18 -27.34 -22.15 -4.72
C TRP E 18 -26.66 -22.46 -6.05
N VAL E 19 -26.31 -21.41 -6.80
CA VAL E 19 -25.61 -21.60 -8.06
C VAL E 19 -24.25 -22.25 -7.80
N ASP E 20 -24.09 -23.48 -8.28
CA ASP E 20 -22.83 -24.21 -8.15
C ASP E 20 -21.83 -23.73 -9.21
N THR E 21 -20.62 -23.40 -8.78
CA THR E 21 -19.62 -22.86 -9.67
C THR E 21 -18.41 -23.81 -9.74
N GLU F 6 25.65 -2.00 -28.42
CA GLU F 6 26.41 -2.62 -27.35
C GLU F 6 27.32 -3.70 -27.91
N ALA F 7 28.26 -3.30 -28.76
CA ALA F 7 29.28 -4.21 -29.25
C ALA F 7 28.69 -5.27 -30.17
N ILE F 8 28.23 -4.86 -31.35
CA ILE F 8 27.65 -5.77 -32.33
C ILE F 8 28.76 -6.39 -33.18
N ILE F 9 28.47 -7.57 -33.72
CA ILE F 9 29.40 -8.36 -34.52
C ILE F 9 28.74 -8.83 -35.80
N GLU F 10 29.58 -9.18 -36.78
CA GLU F 10 29.13 -9.62 -38.13
C GLU F 10 28.07 -8.61 -38.63
N GLU F 11 28.31 -7.36 -38.38
CA GLU F 11 27.43 -6.30 -38.73
C GLU F 11 26.77 -6.36 -40.15
N ASP F 12 27.57 -6.67 -41.19
CA ASP F 12 27.11 -6.71 -42.57
C ASP F 12 26.41 -8.06 -42.92
N ASP F 13 25.56 -8.57 -42.04
CA ASP F 13 24.75 -9.77 -42.22
C ASP F 13 23.49 -9.56 -43.05
N GLY F 14 22.80 -8.45 -42.84
CA GLY F 14 21.53 -8.21 -43.46
C GLY F 14 20.34 -8.73 -42.65
N ASP F 15 20.57 -9.73 -41.77
CA ASP F 15 19.60 -10.32 -40.86
C ASP F 15 19.61 -9.66 -39.48
N GLY F 16 20.54 -8.75 -39.22
CA GLY F 16 20.66 -8.12 -37.92
C GLY F 16 21.87 -8.69 -37.21
N GLY F 17 22.80 -7.84 -36.77
CA GLY F 17 24.02 -8.32 -36.15
C GLY F 17 23.83 -9.16 -34.88
N TRP F 18 24.94 -9.64 -34.33
CA TRP F 18 24.96 -10.46 -33.13
C TRP F 18 25.46 -9.58 -31.99
N VAL F 19 24.77 -9.64 -30.87
CA VAL F 19 25.16 -8.86 -29.70
C VAL F 19 26.32 -9.56 -29.00
N ASP F 20 27.46 -8.89 -28.92
CA ASP F 20 28.61 -9.43 -28.22
C ASP F 20 28.44 -9.16 -26.73
N THR F 21 28.61 -10.20 -25.92
CA THR F 21 28.38 -10.14 -24.49
C THR F 21 29.66 -10.27 -23.69
N TYR F 22 30.81 -10.28 -24.33
CA TYR F 22 32.09 -10.21 -23.65
C TYR F 22 32.28 -11.32 -22.64
N GLY G 14 -8.30 6.77 40.37
CA GLY G 14 -8.38 5.42 39.87
C GLY G 14 -8.30 5.35 38.37
N ASP G 15 -7.17 4.83 37.87
CA ASP G 15 -6.87 4.84 36.43
C ASP G 15 -6.77 3.45 35.80
N GLY G 16 -7.04 2.38 36.53
CA GLY G 16 -7.03 1.04 35.95
C GLY G 16 -5.80 0.21 36.25
N GLY G 17 -4.97 0.64 37.19
CA GLY G 17 -3.81 -0.12 37.60
C GLY G 17 -2.63 0.01 36.64
N TRP G 18 -1.48 -0.43 37.12
CA TRP G 18 -0.25 -0.37 36.34
C TRP G 18 -0.13 -1.59 35.43
N VAL G 19 1.02 -1.67 34.74
CA VAL G 19 1.23 -2.81 33.85
C VAL G 19 2.72 -3.16 33.84
N ASP G 20 3.06 -4.24 34.56
CA ASP G 20 4.46 -4.59 34.66
C ASP G 20 4.93 -5.10 33.29
N THR G 21 6.26 -5.13 33.07
CA THR G 21 6.82 -5.58 31.78
C THR G 21 7.85 -6.68 32.10
N TYR G 22 7.34 -7.85 32.48
CA TYR G 22 8.18 -9.01 32.77
C TYR G 22 9.19 -8.67 33.87
N ASP H 15 -10.35 41.12 -9.03
CA ASP H 15 -9.70 40.24 -8.05
C ASP H 15 -8.28 40.79 -7.81
N GLY H 16 -7.57 40.25 -6.81
CA GLY H 16 -6.24 40.76 -6.50
C GLY H 16 -5.82 40.65 -5.04
N GLY H 17 -4.57 40.25 -4.81
CA GLY H 17 -3.94 40.13 -3.50
C GLY H 17 -4.11 38.76 -2.86
N TRP H 18 -3.13 38.42 -2.02
CA TRP H 18 -3.18 37.20 -1.24
C TRP H 18 -3.75 37.56 0.15
N VAL H 19 -3.86 36.56 1.03
CA VAL H 19 -4.37 36.80 2.39
C VAL H 19 -3.36 36.17 3.34
N ASP H 20 -2.69 36.99 4.13
CA ASP H 20 -1.65 36.56 5.06
C ASP H 20 -2.26 36.07 6.37
N THR H 21 -1.58 35.12 7.00
CA THR H 21 -2.08 34.54 8.23
C THR H 21 -1.32 35.03 9.46
N GLU I 4 -20.19 16.45 33.36
CA GLU I 4 -20.98 15.26 33.65
C GLU I 4 -22.48 15.62 33.74
N LEU I 5 -23.17 15.12 34.77
CA LEU I 5 -24.63 15.24 34.88
C LEU I 5 -25.36 14.46 33.80
N GLU I 6 -24.76 13.38 33.34
CA GLU I 6 -25.31 12.56 32.27
C GLU I 6 -26.12 11.40 32.84
N ALA I 7 -27.25 11.12 32.19
CA ALA I 7 -28.20 10.10 32.63
C ALA I 7 -27.92 8.78 31.92
N ILE I 8 -27.79 7.71 32.70
CA ILE I 8 -27.68 6.38 32.15
C ILE I 8 -29.07 5.74 32.14
N ILE I 9 -29.22 4.72 31.31
CA ILE I 9 -30.48 4.00 31.15
C ILE I 9 -30.09 2.54 30.99
N GLU I 10 -31.08 1.65 31.15
CA GLU I 10 -30.83 0.22 31.13
C GLU I 10 -29.58 -0.13 31.90
N GLU I 11 -29.27 0.53 33.00
CA GLU I 11 -28.12 0.10 33.80
C GLU I 11 -28.12 -1.40 34.10
N ASP I 12 -29.29 -1.98 34.33
CA ASP I 12 -29.36 -3.40 34.67
C ASP I 12 -28.46 -4.30 33.83
N ASP I 13 -28.50 -4.16 32.51
CA ASP I 13 -27.62 -4.94 31.66
C ASP I 13 -26.17 -4.59 32.03
N GLY I 14 -25.37 -5.64 32.29
CA GLY I 14 -23.97 -5.48 32.58
C GLY I 14 -23.34 -4.48 31.64
N ASP I 15 -22.46 -3.61 32.13
CA ASP I 15 -21.86 -2.59 31.29
C ASP I 15 -22.96 -1.83 30.55
N GLY I 16 -24.02 -1.51 31.29
CA GLY I 16 -25.14 -0.79 30.69
C GLY I 16 -24.95 0.71 30.67
N GLY I 17 -23.98 1.16 29.89
CA GLY I 17 -23.69 2.59 29.85
C GLY I 17 -24.55 3.41 28.93
N TRP I 18 -25.72 2.92 28.54
CA TRP I 18 -26.56 3.62 27.56
C TRP I 18 -26.79 5.07 28.02
N VAL I 19 -26.27 6.02 27.25
CA VAL I 19 -26.39 7.44 27.55
C VAL I 19 -27.64 8.00 26.86
N ASP I 20 -28.77 8.02 27.56
CA ASP I 20 -29.92 8.66 26.95
C ASP I 20 -29.54 10.08 26.53
N THR I 21 -29.63 10.37 25.24
CA THR I 21 -29.21 11.67 24.72
C THR I 21 -30.36 12.38 24.01
N ALA J 7 22.48 -5.41 -6.85
CA ALA J 7 21.64 -4.33 -7.36
C ALA J 7 22.47 -3.08 -7.69
N ILE J 8 23.76 -3.27 -8.01
CA ILE J 8 24.63 -2.14 -8.27
C ILE J 8 24.48 -1.72 -9.73
N ILE J 9 24.70 -0.42 -9.98
CA ILE J 9 24.52 0.17 -11.30
C ILE J 9 25.65 1.16 -11.54
N GLU J 10 25.87 1.50 -12.81
CA GLU J 10 27.01 2.34 -13.20
C GLU J 10 28.31 1.84 -12.61
N GLU J 11 28.32 0.60 -12.13
CA GLU J 11 29.53 -0.01 -11.64
C GLU J 11 30.64 0.21 -12.67
N ASP J 12 31.77 0.77 -12.22
CA ASP J 12 32.97 1.17 -12.99
C ASP J 12 33.02 2.57 -12.60
N ASP J 13 34.21 3.22 -12.43
CA ASP J 13 34.55 4.63 -12.08
C ASP J 13 35.02 4.73 -10.62
N GLY J 14 35.82 5.77 -10.32
CA GLY J 14 36.39 5.99 -9.00
C GLY J 14 35.32 5.94 -7.93
N ASP J 15 35.48 5.13 -6.87
CA ASP J 15 34.44 4.99 -5.85
C ASP J 15 33.10 4.73 -6.54
N GLY J 16 33.10 3.66 -7.35
CA GLY J 16 31.93 3.33 -8.12
C GLY J 16 30.97 2.40 -7.44
N GLY J 17 29.73 2.49 -7.88
CA GLY J 17 28.66 1.68 -7.35
C GLY J 17 27.47 2.55 -6.92
N TRP J 18 26.31 2.31 -7.50
CA TRP J 18 25.08 3.01 -7.15
C TRP J 18 24.04 1.94 -6.82
N VAL J 19 23.65 1.83 -5.55
CA VAL J 19 22.64 0.85 -5.17
C VAL J 19 21.28 1.32 -5.66
N ASP J 20 20.72 0.63 -6.66
CA ASP J 20 19.39 0.92 -7.17
C ASP J 20 18.39 0.29 -6.20
N THR J 21 17.94 1.06 -5.23
CA THR J 21 17.05 0.54 -4.20
C THR J 21 15.61 0.49 -4.70
N LYS K 1 7.18 -35.76 2.60
CA LYS K 1 8.00 -36.00 3.78
C LYS K 1 8.62 -34.70 4.30
N PHE K 2 7.80 -33.67 4.48
CA PHE K 2 8.27 -32.54 5.27
C PHE K 2 8.59 -33.02 6.68
N VAL K 3 9.72 -32.57 7.22
CA VAL K 3 10.07 -32.98 8.58
C VAL K 3 9.25 -32.24 9.63
N TYR K 4 8.71 -31.06 9.28
CA TYR K 4 7.88 -30.35 10.23
C TYR K 4 6.67 -31.19 10.64
N LYS K 5 6.12 -31.99 9.73
CA LYS K 5 4.95 -32.80 10.03
C LYS K 5 5.29 -33.97 10.91
N GLU K 6 6.59 -34.33 10.97
CA GLU K 6 6.99 -35.44 11.86
C GLU K 6 7.45 -34.96 13.23
N GLU K 7 8.22 -33.88 13.31
CA GLU K 7 8.62 -33.37 14.60
C GLU K 7 7.51 -32.67 15.36
N HIS K 8 6.36 -32.44 14.74
CA HIS K 8 5.25 -31.86 15.46
C HIS K 8 4.03 -32.71 15.15
N PRO K 9 3.22 -33.04 16.14
CA PRO K 9 2.07 -33.91 15.86
C PRO K 9 0.96 -33.17 15.12
N PHE K 10 0.09 -33.95 14.51
CA PHE K 10 -0.94 -33.36 13.69
C PHE K 10 -1.79 -32.42 14.48
N GLU K 11 -2.25 -32.84 15.68
CA GLU K 11 -3.23 -32.05 16.42
C GLU K 11 -2.63 -30.75 16.95
N LYS K 12 -1.41 -30.76 17.46
CA LYS K 12 -0.80 -29.49 17.80
C LYS K 12 -0.79 -28.55 16.59
N ARG K 13 -0.35 -29.08 15.45
CA ARG K 13 -0.29 -28.28 14.23
C ARG K 13 -1.68 -27.77 13.86
N ARG K 14 -2.68 -28.65 13.93
CA ARG K 14 -4.03 -28.26 13.53
C ARG K 14 -4.57 -27.17 14.44
N SER K 15 -4.36 -27.31 15.75
CA SER K 15 -4.77 -26.25 16.68
C SER K 15 -4.03 -24.94 16.37
N GLU K 16 -2.71 -25.02 16.12
CA GLU K 16 -1.93 -23.83 15.77
C GLU K 16 -2.51 -23.16 14.53
N GLY K 17 -2.93 -23.98 13.55
CA GLY K 17 -3.46 -23.46 12.30
C GLY K 17 -4.82 -22.81 12.47
N GLU K 18 -5.71 -23.46 13.20
CA GLU K 18 -7.00 -22.86 13.47
C GLU K 18 -6.85 -21.53 14.19
N LYS K 19 -5.95 -21.50 15.18
CA LYS K 19 -5.68 -20.29 15.92
C LYS K 19 -5.20 -19.18 14.99
N ILE K 20 -4.24 -19.48 14.12
CA ILE K 20 -3.72 -18.39 13.30
C ILE K 20 -4.74 -17.92 12.26
N ARG K 21 -5.49 -18.84 11.65
CA ARG K 21 -6.47 -18.38 10.67
C ARG K 21 -7.53 -17.50 11.33
N LYS K 22 -7.96 -17.81 12.55
CA LYS K 22 -8.94 -16.92 13.16
C LYS K 22 -8.32 -15.67 13.74
N LYS K 23 -7.07 -15.74 14.23
CA LYS K 23 -6.42 -14.59 14.84
C LYS K 23 -5.77 -13.64 13.83
N TYR K 24 -5.19 -14.17 12.77
CA TYR K 24 -4.55 -13.36 11.74
C TYR K 24 -5.19 -13.67 10.40
N PRO K 25 -6.46 -13.32 10.23
CA PRO K 25 -7.16 -13.72 9.00
C PRO K 25 -6.58 -13.12 7.74
N ASP K 26 -5.87 -11.99 7.82
CA ASP K 26 -5.30 -11.39 6.62
C ASP K 26 -3.94 -11.97 6.22
N ARG K 27 -3.44 -12.95 6.96
CA ARG K 27 -2.16 -13.59 6.71
C ARG K 27 -2.35 -15.10 6.55
N VAL K 28 -1.35 -15.70 5.93
CA VAL K 28 -1.36 -17.11 5.61
C VAL K 28 -0.12 -17.76 6.21
N PRO K 29 -0.29 -18.98 6.85
CA PRO K 29 0.87 -19.62 7.46
C PRO K 29 1.57 -20.59 6.55
N VAL K 30 2.89 -20.51 6.43
CA VAL K 30 3.60 -21.30 5.43
C VAL K 30 4.77 -22.01 6.09
N ILE K 31 4.86 -23.31 5.85
CA ILE K 31 6.03 -24.10 6.24
C ILE K 31 6.90 -24.23 5.00
N VAL K 32 8.15 -23.83 5.10
CA VAL K 32 9.07 -23.82 3.99
C VAL K 32 10.23 -24.71 4.35
N GLU K 33 10.48 -25.70 3.50
CA GLU K 33 11.57 -26.64 3.72
C GLU K 33 12.36 -26.81 2.43
N LYS K 34 13.61 -27.24 2.60
CA LYS K 34 14.46 -27.61 1.49
C LYS K 34 14.06 -28.97 0.97
N ALA K 35 14.02 -29.10 -0.35
CA ALA K 35 13.83 -30.40 -0.94
C ALA K 35 15.04 -31.29 -0.65
N PRO K 36 14.85 -32.60 -0.52
CA PRO K 36 15.99 -33.47 -0.14
C PRO K 36 17.19 -33.34 -1.09
N LYS K 37 16.96 -33.40 -2.39
CA LYS K 37 18.03 -33.37 -3.37
C LYS K 37 18.50 -31.97 -3.69
N ALA K 38 18.13 -30.96 -2.89
CA ALA K 38 18.49 -29.58 -3.22
C ALA K 38 19.89 -29.30 -2.70
N ARG K 39 20.69 -28.64 -3.53
CA ARG K 39 22.07 -28.31 -3.19
C ARG K 39 22.29 -26.82 -2.94
N ILE K 40 21.30 -26.17 -2.34
CA ILE K 40 21.41 -24.77 -1.99
C ILE K 40 21.42 -24.67 -0.47
N GLY K 41 21.71 -23.46 0.03
CA GLY K 41 21.82 -23.28 1.46
C GLY K 41 20.47 -23.44 2.12
N ASP K 42 20.51 -23.82 3.40
CA ASP K 42 19.28 -24.11 4.15
C ASP K 42 18.76 -22.85 4.82
N LEU K 43 17.49 -22.89 5.18
CA LEU K 43 16.82 -21.75 5.79
C LEU K 43 16.84 -21.91 7.29
N ASP K 44 17.32 -20.88 7.98
CA ASP K 44 17.39 -20.95 9.43
C ASP K 44 16.01 -21.22 10.00
N LYS K 45 15.02 -20.42 9.58
CA LYS K 45 13.64 -20.64 9.97
C LYS K 45 12.81 -21.24 8.83
N LYS K 46 11.80 -22.02 9.25
CA LYS K 46 10.90 -22.71 8.35
C LYS K 46 9.49 -22.15 8.33
N LYS K 47 9.06 -21.46 9.37
CA LYS K 47 7.69 -20.98 9.50
C LYS K 47 7.61 -19.49 9.15
N TYR K 48 6.66 -19.13 8.30
CA TYR K 48 6.53 -17.76 7.80
C TYR K 48 5.07 -17.38 7.83
N LEU K 49 4.76 -16.19 8.39
CA LEU K 49 3.41 -15.64 8.28
C LEU K 49 3.45 -14.53 7.25
N VAL K 50 2.78 -14.74 6.12
CA VAL K 50 2.88 -13.79 5.03
C VAL K 50 1.54 -13.16 4.64
N PRO K 51 1.53 -11.91 4.12
CA PRO K 51 0.27 -11.34 3.60
C PRO K 51 -0.33 -12.17 2.49
N SER K 52 -1.63 -12.46 2.61
CA SER K 52 -2.30 -13.29 1.61
C SER K 52 -2.31 -12.66 0.22
N ASP K 53 -1.98 -11.35 0.11
CA ASP K 53 -1.91 -10.66 -1.16
C ASP K 53 -0.51 -10.72 -1.75
N LEU K 54 0.46 -11.22 -1.01
CA LEU K 54 1.80 -11.38 -1.57
C LEU K 54 1.80 -12.36 -2.73
N THR K 55 2.68 -12.10 -3.70
CA THR K 55 2.75 -12.94 -4.89
C THR K 55 3.83 -13.98 -4.73
N VAL K 56 3.70 -15.02 -5.56
CA VAL K 56 4.73 -16.06 -5.67
C VAL K 56 6.09 -15.46 -5.95
N GLY K 57 6.17 -14.49 -6.87
CA GLY K 57 7.46 -13.90 -7.17
C GLY K 57 8.03 -13.16 -5.99
N GLN K 58 7.19 -12.39 -5.29
CA GLN K 58 7.62 -11.69 -4.08
C GLN K 58 8.12 -12.66 -3.03
N PHE K 59 7.43 -13.78 -2.85
CA PHE K 59 7.92 -14.78 -1.89
C PHE K 59 9.24 -15.39 -2.36
N TYR K 60 9.36 -15.66 -3.67
CA TYR K 60 10.62 -16.17 -4.22
C TYR K 60 11.76 -15.25 -3.80
N PHE K 61 11.57 -13.95 -3.99
CA PHE K 61 12.62 -12.97 -3.65
C PHE K 61 12.90 -12.93 -2.14
N LEU K 62 11.86 -13.06 -1.32
CA LEU K 62 12.08 -13.09 0.11
C LEU K 62 12.99 -14.24 0.52
N ILE K 63 12.66 -15.44 0.06
CA ILE K 63 13.44 -16.62 0.43
C ILE K 63 14.82 -16.54 -0.17
N ARG K 64 14.95 -16.01 -1.39
CA ARG K 64 16.28 -15.86 -1.98
C ARG K 64 17.19 -15.06 -1.06
N LYS K 65 16.71 -13.91 -0.57
CA LYS K 65 17.61 -13.12 0.27
C LYS K 65 17.94 -13.85 1.55
N ARG K 66 16.94 -14.41 2.21
CA ARG K 66 17.23 -15.07 3.49
C ARG K 66 18.21 -16.25 3.36
N ILE K 67 18.30 -16.85 2.18
CA ILE K 67 19.34 -17.84 1.94
C ILE K 67 20.49 -17.24 1.14
N HIS K 68 20.48 -15.92 0.95
CA HIS K 68 21.54 -15.14 0.30
C HIS K 68 21.95 -15.78 -1.02
N LEU K 69 20.97 -15.93 -1.90
CA LEU K 69 21.16 -16.67 -3.15
C LEU K 69 21.51 -15.72 -4.29
N ARG K 70 22.40 -16.16 -5.17
CA ARG K 70 22.74 -15.40 -6.38
C ARG K 70 21.57 -15.39 -7.37
N ALA K 71 21.65 -14.48 -8.35
CA ALA K 71 20.70 -14.50 -9.46
C ALA K 71 21.06 -15.64 -10.41
N GLU K 72 22.38 -15.85 -10.56
CA GLU K 72 22.90 -16.99 -11.28
C GLU K 72 22.49 -18.28 -10.62
N ASP K 73 22.24 -18.26 -9.33
CA ASP K 73 21.72 -19.44 -8.67
C ASP K 73 20.23 -19.55 -8.95
N ALA K 74 19.76 -20.77 -9.18
CA ALA K 74 18.35 -20.96 -9.47
C ALA K 74 17.60 -21.22 -8.17
N LEU K 75 16.32 -20.91 -8.19
CA LEU K 75 15.45 -21.21 -7.07
C LEU K 75 14.09 -21.60 -7.64
N PHE K 76 13.59 -22.74 -7.22
CA PHE K 76 12.27 -23.21 -7.59
C PHE K 76 11.48 -23.58 -6.33
N PHE K 77 10.21 -23.17 -6.31
CA PHE K 77 9.25 -23.57 -5.29
C PHE K 77 8.37 -24.68 -5.82
N PHE K 78 7.98 -25.60 -4.93
CA PHE K 78 7.09 -26.70 -5.23
C PHE K 78 5.99 -26.77 -4.17
N VAL K 79 4.74 -26.76 -4.63
CA VAL K 79 3.55 -27.02 -3.81
C VAL K 79 2.92 -28.32 -4.28
N ASN K 80 3.32 -29.42 -3.64
CA ASN K 80 2.87 -30.77 -3.97
C ASN K 80 3.60 -31.25 -5.19
N ASN K 81 4.90 -30.96 -5.27
CA ASN K 81 5.77 -31.36 -6.36
C ASN K 81 5.46 -30.65 -7.67
N VAL K 82 4.81 -29.49 -7.64
CA VAL K 82 4.57 -28.73 -8.85
C VAL K 82 4.94 -27.27 -8.58
N ILE K 83 5.63 -26.66 -9.54
CA ILE K 83 6.04 -25.25 -9.44
C ILE K 83 4.75 -24.44 -9.54
N PRO K 84 4.47 -23.59 -8.57
CA PRO K 84 3.26 -22.74 -8.62
C PRO K 84 3.43 -21.58 -9.58
N PRO K 85 2.33 -21.06 -10.14
CA PRO K 85 2.44 -19.92 -11.06
C PRO K 85 2.99 -18.69 -10.35
N THR K 86 3.83 -17.95 -11.05
CA THR K 86 4.41 -16.75 -10.46
C THR K 86 3.35 -15.66 -10.27
N SER K 87 2.27 -15.72 -11.06
CA SER K 87 1.17 -14.77 -10.94
C SER K 87 0.25 -15.07 -9.75
N ALA K 88 0.40 -16.21 -9.11
CA ALA K 88 -0.48 -16.60 -8.04
C ALA K 88 -0.12 -15.84 -6.77
N THR K 89 -1.11 -15.61 -5.92
CA THR K 89 -0.87 -15.04 -4.61
C THR K 89 -0.71 -16.16 -3.58
N MET K 90 0.03 -15.89 -2.52
CA MET K 90 0.15 -16.87 -1.45
C MET K 90 -1.21 -17.26 -0.88
N GLY K 91 -2.13 -16.30 -0.80
CA GLY K 91 -3.47 -16.65 -0.38
C GLY K 91 -4.15 -17.65 -1.30
N GLN K 92 -4.02 -17.44 -2.61
CA GLN K 92 -4.64 -18.39 -3.54
C GLN K 92 -4.01 -19.76 -3.36
N LEU K 93 -2.68 -19.81 -3.23
CA LEU K 93 -2.03 -21.09 -3.03
C LEU K 93 -2.54 -21.73 -1.75
N TYR K 94 -2.74 -20.93 -0.70
CA TYR K 94 -3.24 -21.44 0.57
C TYR K 94 -4.65 -21.98 0.42
N GLN K 95 -5.56 -21.19 -0.17
CA GLN K 95 -6.93 -21.67 -0.32
C GLN K 95 -6.96 -22.97 -1.08
N GLU K 96 -6.04 -23.16 -2.05
CA GLU K 96 -6.14 -24.36 -2.87
C GLU K 96 -5.36 -25.55 -2.32
N HIS K 97 -4.22 -25.33 -1.66
CA HIS K 97 -3.33 -26.45 -1.32
C HIS K 97 -3.03 -26.59 0.16
N HIS K 98 -3.73 -25.86 1.04
CA HIS K 98 -3.49 -26.00 2.48
C HIS K 98 -3.87 -27.40 2.95
N GLU K 99 -3.04 -27.98 3.81
CA GLU K 99 -3.32 -29.29 4.37
C GLU K 99 -4.39 -29.20 5.48
N GLU K 100 -4.72 -30.35 6.08
CA GLU K 100 -5.76 -30.36 7.09
C GLU K 100 -5.32 -29.71 8.41
N ASP K 101 -4.04 -29.45 8.60
CA ASP K 101 -3.60 -28.65 9.74
C ASP K 101 -3.70 -27.14 9.50
N PHE K 102 -4.20 -26.70 8.34
CA PHE K 102 -4.39 -25.28 8.04
C PHE K 102 -3.09 -24.53 7.76
N PHE K 103 -2.04 -25.27 7.44
CA PHE K 103 -0.77 -24.73 6.97
C PHE K 103 -0.58 -25.04 5.49
N LEU K 104 0.17 -24.18 4.81
CA LEU K 104 0.64 -24.41 3.45
C LEU K 104 2.11 -24.83 3.52
N TYR K 105 2.44 -25.98 2.91
CA TYR K 105 3.81 -26.47 2.88
C TYR K 105 4.45 -26.20 1.53
N ILE K 106 5.70 -25.72 1.53
CA ILE K 106 6.41 -25.35 0.31
C ILE K 106 7.83 -25.87 0.37
N ALA K 107 8.22 -26.67 -0.63
CA ALA K 107 9.60 -27.10 -0.75
C ALA K 107 10.34 -26.19 -1.73
N TYR K 108 11.67 -26.12 -1.58
CA TYR K 108 12.46 -25.32 -2.51
C TYR K 108 13.69 -26.08 -2.96
N SER K 109 14.06 -25.88 -4.21
CA SER K 109 15.23 -26.56 -4.73
C SER K 109 15.94 -25.72 -5.76
N ASP K 110 17.17 -26.09 -6.05
CA ASP K 110 17.88 -25.53 -7.18
C ASP K 110 17.54 -26.22 -8.49
N GLU K 111 16.74 -27.29 -8.47
CA GLU K 111 16.38 -28.04 -9.65
C GLU K 111 14.93 -27.76 -10.00
N SER K 112 14.58 -27.89 -11.27
CA SER K 112 13.21 -27.58 -11.69
C SER K 112 12.26 -28.74 -11.50
N VAL K 113 12.76 -29.88 -11.02
CA VAL K 113 11.95 -31.05 -10.70
C VAL K 113 12.26 -31.47 -9.26
N TYR K 114 11.21 -31.49 -8.41
CA TYR K 114 11.35 -31.93 -7.02
C TYR K 114 11.65 -33.42 -7.10
N GLY K 115 12.87 -33.81 -6.74
CA GLY K 115 13.31 -35.16 -7.02
C GLY K 115 12.84 -35.64 -8.38
N PHE L 2 4.03 10.12 -12.52
CA PHE L 2 4.29 9.48 -13.80
C PHE L 2 5.74 9.64 -14.24
N VAL L 3 6.33 8.59 -14.81
CA VAL L 3 7.71 8.70 -15.25
C VAL L 3 7.85 9.54 -16.52
N TYR L 4 6.78 9.68 -17.31
CA TYR L 4 6.86 10.58 -18.46
C TYR L 4 7.16 12.00 -18.01
N LYS L 5 6.66 12.42 -16.86
CA LYS L 5 6.84 13.78 -16.41
C LYS L 5 8.25 14.01 -15.89
N GLU L 6 8.97 12.94 -15.50
CA GLU L 6 10.35 13.04 -15.03
C GLU L 6 11.36 12.87 -16.16
N GLU L 7 11.10 11.98 -17.11
CA GLU L 7 11.98 11.85 -18.26
C GLU L 7 11.89 13.03 -19.23
N HIS L 8 10.94 13.94 -19.05
CA HIS L 8 10.85 15.08 -19.92
C HIS L 8 10.62 16.36 -19.14
N PRO L 9 11.26 17.47 -19.54
CA PRO L 9 11.05 18.73 -18.84
C PRO L 9 9.67 19.28 -19.16
N PHE L 10 9.23 20.22 -18.32
CA PHE L 10 7.85 20.66 -18.45
C PHE L 10 7.59 21.33 -19.79
N GLU L 11 8.42 22.28 -20.19
CA GLU L 11 8.12 23.05 -21.40
C GLU L 11 8.20 22.21 -22.66
N LYS L 12 9.08 21.21 -22.73
CA LYS L 12 9.08 20.31 -23.88
C LYS L 12 7.71 19.65 -24.02
N ARG L 13 7.20 19.13 -22.90
CA ARG L 13 5.89 18.49 -22.89
C ARG L 13 4.78 19.49 -23.22
N ARG L 14 4.84 20.69 -22.65
CA ARG L 14 3.80 21.67 -22.92
C ARG L 14 3.81 22.11 -24.39
N SER L 15 5.00 22.34 -24.96
CA SER L 15 5.10 22.71 -26.38
C SER L 15 4.50 21.60 -27.23
N GLU L 16 4.89 20.36 -26.95
CA GLU L 16 4.32 19.23 -27.69
C GLU L 16 2.81 19.18 -27.50
N GLY L 17 2.31 19.53 -26.30
CA GLY L 17 0.88 19.46 -26.06
C GLY L 17 0.07 20.50 -26.83
N GLU L 18 0.50 21.75 -26.80
CA GLU L 18 -0.19 22.79 -27.57
C GLU L 18 -0.11 22.51 -29.08
N LYS L 19 1.04 22.07 -29.55
CA LYS L 19 1.18 21.73 -30.98
C LYS L 19 0.22 20.63 -31.37
N ILE L 20 0.18 19.54 -30.59
CA ILE L 20 -0.69 18.41 -30.93
C ILE L 20 -2.13 18.83 -30.85
N ARG L 21 -2.47 19.67 -29.88
CA ARG L 21 -3.84 20.10 -29.71
C ARG L 21 -4.31 20.93 -30.91
N LYS L 22 -3.43 21.77 -31.45
CA LYS L 22 -3.83 22.55 -32.62
C LYS L 22 -3.83 21.72 -33.89
N LYS L 23 -2.93 20.73 -34.00
CA LYS L 23 -2.85 19.93 -35.22
C LYS L 23 -3.95 18.87 -35.28
N TYR L 24 -4.35 18.30 -34.14
CA TYR L 24 -5.39 17.28 -34.05
C TYR L 24 -6.48 17.77 -33.08
N PRO L 25 -7.24 18.81 -33.45
CA PRO L 25 -8.19 19.39 -32.47
C PRO L 25 -9.32 18.45 -32.08
N ASP L 26 -9.73 17.53 -32.96
CA ASP L 26 -10.76 16.54 -32.65
C ASP L 26 -10.19 15.30 -31.95
N ARG L 27 -8.93 15.34 -31.55
CA ARG L 27 -8.24 14.25 -30.88
C ARG L 27 -7.72 14.80 -29.57
N VAL L 28 -7.48 13.91 -28.63
CA VAL L 28 -7.04 14.26 -27.29
C VAL L 28 -5.75 13.54 -27.03
N PRO L 29 -4.73 14.20 -26.50
CA PRO L 29 -3.46 13.51 -26.20
C PRO L 29 -3.38 12.93 -24.78
N VAL L 30 -2.98 11.67 -24.65
CA VAL L 30 -3.07 10.96 -23.39
C VAL L 30 -1.76 10.19 -23.15
N ILE L 31 -1.22 10.36 -21.96
CA ILE L 31 -0.10 9.55 -21.47
C ILE L 31 -0.66 8.42 -20.60
N VAL L 32 -0.26 7.19 -20.90
CA VAL L 32 -0.75 6.01 -20.19
C VAL L 32 0.44 5.24 -19.64
N GLU L 33 0.42 5.00 -18.33
CA GLU L 33 1.47 4.26 -17.66
C GLU L 33 0.86 3.21 -16.74
N LYS L 34 1.62 2.15 -16.47
CA LYS L 34 1.22 1.16 -15.49
C LYS L 34 1.42 1.75 -14.10
N ALA L 35 0.45 1.54 -13.21
CA ALA L 35 0.62 1.98 -11.84
C ALA L 35 1.85 1.30 -11.24
N PRO L 36 2.56 1.96 -10.32
CA PRO L 36 3.81 1.36 -9.82
C PRO L 36 3.66 -0.03 -9.23
N LYS L 37 2.74 -0.22 -8.26
CA LYS L 37 2.62 -1.51 -7.58
C LYS L 37 1.73 -2.50 -8.33
N ALA L 38 1.47 -2.24 -9.60
CA ALA L 38 0.58 -3.10 -10.38
C ALA L 38 1.32 -4.33 -10.89
N ARG L 39 0.59 -5.44 -10.89
CA ARG L 39 1.11 -6.73 -11.34
C ARG L 39 0.55 -7.10 -12.72
N ILE L 40 0.42 -6.12 -13.59
CA ILE L 40 -0.08 -6.39 -14.93
C ILE L 40 1.04 -6.06 -15.91
N GLY L 41 0.85 -6.48 -17.15
CA GLY L 41 1.87 -6.25 -18.16
C GLY L 41 1.97 -4.79 -18.52
N ASP L 42 3.14 -4.40 -19.00
CA ASP L 42 3.44 -3.00 -19.30
C ASP L 42 3.12 -2.67 -20.76
N LEU L 43 2.99 -1.37 -21.00
CA LEU L 43 2.67 -0.84 -22.32
C LEU L 43 3.94 -0.28 -22.93
N ASP L 44 4.25 -0.70 -24.15
CA ASP L 44 5.45 -0.23 -24.82
C ASP L 44 5.41 1.27 -25.05
N LYS L 45 4.30 1.76 -25.60
CA LYS L 45 4.13 3.18 -25.88
C LYS L 45 3.31 3.81 -24.78
N LYS L 46 3.60 5.08 -24.47
CA LYS L 46 2.90 5.79 -23.43
C LYS L 46 1.99 6.88 -23.98
N LYS L 47 2.27 7.35 -25.20
CA LYS L 47 1.58 8.46 -25.86
C LYS L 47 0.55 7.93 -26.84
N TYR L 48 -0.69 8.38 -26.67
CA TYR L 48 -1.81 7.97 -27.51
C TYR L 48 -2.64 9.20 -27.88
N LEU L 49 -3.00 9.29 -29.14
CA LEU L 49 -3.94 10.31 -29.59
C LEU L 49 -5.28 9.64 -29.79
N VAL L 50 -6.29 10.06 -29.01
CA VAL L 50 -7.56 9.33 -28.93
C VAL L 50 -8.67 10.21 -29.47
N PRO L 51 -9.63 9.66 -30.22
CA PRO L 51 -10.81 10.46 -30.58
C PRO L 51 -11.51 10.98 -29.32
N SER L 52 -11.80 12.27 -29.31
CA SER L 52 -12.46 12.85 -28.14
C SER L 52 -13.86 12.29 -27.90
N ASP L 53 -14.50 11.70 -28.90
CA ASP L 53 -15.83 11.14 -28.73
C ASP L 53 -15.78 9.69 -28.26
N LEU L 54 -14.60 9.08 -28.27
CA LEU L 54 -14.45 7.75 -27.69
C LEU L 54 -14.79 7.76 -26.20
N THR L 55 -15.32 6.65 -25.71
CA THR L 55 -15.70 6.59 -24.31
C THR L 55 -14.57 5.99 -23.47
N VAL L 56 -14.55 6.37 -22.21
CA VAL L 56 -13.60 5.76 -21.29
C VAL L 56 -13.74 4.25 -21.34
N GLY L 57 -14.97 3.75 -21.47
CA GLY L 57 -15.16 2.32 -21.53
C GLY L 57 -14.53 1.72 -22.79
N GLN L 58 -14.76 2.37 -23.92
CA GLN L 58 -14.13 1.92 -25.16
C GLN L 58 -12.62 2.00 -25.04
N PHE L 59 -12.09 3.05 -24.43
CA PHE L 59 -10.65 3.14 -24.24
C PHE L 59 -10.14 2.03 -23.34
N TYR L 60 -10.90 1.72 -22.29
CA TYR L 60 -10.61 0.57 -21.45
C TYR L 60 -10.41 -0.67 -22.31
N PHE L 61 -11.36 -0.90 -23.21
CA PHE L 61 -11.33 -2.11 -24.02
C PHE L 61 -10.09 -2.09 -24.91
N LEU L 62 -9.79 -0.93 -25.49
CA LEU L 62 -8.61 -0.80 -26.35
C LEU L 62 -7.32 -1.11 -25.59
N ILE L 63 -7.17 -0.54 -24.39
CA ILE L 63 -5.96 -0.79 -23.61
C ILE L 63 -5.91 -2.24 -23.16
N ARG L 64 -7.04 -2.83 -22.82
CA ARG L 64 -7.02 -4.24 -22.45
C ARG L 64 -6.53 -5.11 -23.61
N LYS L 65 -7.08 -4.91 -24.81
CA LYS L 65 -6.63 -5.71 -25.92
C LYS L 65 -5.14 -5.50 -26.20
N ARG L 66 -4.66 -4.25 -26.19
CA ARG L 66 -3.29 -4.07 -26.63
C ARG L 66 -2.28 -4.74 -25.72
N ILE L 67 -2.63 -5.03 -24.47
CA ILE L 67 -1.74 -5.84 -23.64
C ILE L 67 -2.19 -7.29 -23.55
N HIS L 68 -3.16 -7.68 -24.37
CA HIS L 68 -3.58 -9.08 -24.49
C HIS L 68 -3.92 -9.65 -23.12
N LEU L 69 -4.96 -9.07 -22.54
CA LEU L 69 -5.33 -9.30 -21.17
C LEU L 69 -6.34 -10.44 -21.10
N ARG L 70 -6.21 -11.27 -20.07
CA ARG L 70 -7.16 -12.34 -19.82
C ARG L 70 -8.45 -11.77 -19.26
N ALA L 71 -9.52 -12.58 -19.31
CA ALA L 71 -10.80 -12.11 -18.78
C ALA L 71 -10.77 -12.04 -17.27
N GLU L 72 -10.19 -13.05 -16.61
CA GLU L 72 -10.01 -12.99 -15.16
C GLU L 72 -9.13 -11.81 -14.77
N ASP L 73 -8.35 -11.27 -15.71
CA ASP L 73 -7.53 -10.11 -15.38
C ASP L 73 -8.40 -8.86 -15.35
N ALA L 74 -8.22 -8.08 -14.29
CA ALA L 74 -8.93 -6.83 -14.06
C ALA L 74 -8.11 -5.70 -14.62
N LEU L 75 -8.78 -4.58 -14.93
CA LEU L 75 -8.06 -3.39 -15.32
C LEU L 75 -8.84 -2.21 -14.79
N PHE L 76 -8.15 -1.32 -14.07
CA PHE L 76 -8.75 -0.12 -13.53
C PHE L 76 -7.89 1.04 -13.99
N PHE L 77 -8.54 2.12 -14.45
CA PHE L 77 -7.90 3.39 -14.83
C PHE L 77 -7.96 4.37 -13.67
N PHE L 78 -6.90 5.14 -13.50
CA PHE L 78 -6.83 6.18 -12.48
C PHE L 78 -6.39 7.46 -13.19
N VAL L 79 -7.23 8.48 -13.19
CA VAL L 79 -6.81 9.79 -13.66
C VAL L 79 -6.94 10.77 -12.50
N ASN L 80 -5.84 11.43 -12.15
CA ASN L 80 -5.81 12.40 -11.04
C ASN L 80 -6.51 11.86 -9.81
N ASN L 81 -6.20 10.62 -9.48
CA ASN L 81 -6.70 9.94 -8.30
C ASN L 81 -8.16 9.55 -8.41
N VAL L 82 -8.70 9.37 -9.60
CA VAL L 82 -10.09 8.97 -9.72
C VAL L 82 -10.27 7.89 -10.77
N ILE L 83 -11.05 6.86 -10.45
CA ILE L 83 -11.44 5.86 -11.44
C ILE L 83 -12.48 6.56 -12.30
N PRO L 84 -12.22 6.75 -13.59
CA PRO L 84 -13.18 7.52 -14.41
C PRO L 84 -14.37 6.68 -14.80
N PRO L 85 -15.53 7.30 -14.96
CA PRO L 85 -16.71 6.56 -15.39
C PRO L 85 -16.59 6.08 -16.82
N THR L 86 -17.05 4.87 -17.08
CA THR L 86 -16.99 4.34 -18.43
C THR L 86 -17.87 5.13 -19.37
N SER L 87 -18.89 5.81 -18.84
CA SER L 87 -19.82 6.60 -19.62
C SER L 87 -19.25 7.94 -20.05
N ALA L 88 -18.11 8.37 -19.52
CA ALA L 88 -17.52 9.64 -19.92
C ALA L 88 -16.78 9.50 -21.25
N THR L 89 -16.76 10.58 -22.01
CA THR L 89 -15.97 10.61 -23.21
C THR L 89 -14.55 11.07 -22.88
N MET L 90 -13.58 10.60 -23.68
CA MET L 90 -12.20 11.01 -23.47
C MET L 90 -12.06 12.53 -23.57
N GLY L 91 -12.92 13.16 -24.38
CA GLY L 91 -12.95 14.61 -24.45
C GLY L 91 -13.35 15.24 -23.14
N GLN L 92 -14.41 14.71 -22.50
CA GLN L 92 -14.80 15.24 -21.20
C GLN L 92 -13.69 15.02 -20.18
N LEU L 93 -13.13 13.81 -20.17
CA LEU L 93 -12.12 13.48 -19.18
C LEU L 93 -10.94 14.44 -19.31
N TYR L 94 -10.62 14.83 -20.56
CA TYR L 94 -9.54 15.78 -20.83
C TYR L 94 -9.88 17.16 -20.31
N GLN L 95 -11.06 17.66 -20.68
CA GLN L 95 -11.43 19.01 -20.24
C GLN L 95 -11.38 19.14 -18.72
N GLU L 96 -11.69 18.07 -17.98
CA GLU L 96 -11.62 18.17 -16.54
C GLU L 96 -10.23 17.92 -15.98
N HIS L 97 -9.47 17.00 -16.55
CA HIS L 97 -8.25 16.56 -15.88
C HIS L 97 -6.96 16.85 -16.63
N HIS L 98 -7.01 17.57 -17.75
CA HIS L 98 -5.77 17.80 -18.47
C HIS L 98 -4.84 18.63 -17.61
N GLU L 99 -3.58 18.27 -17.58
CA GLU L 99 -2.62 19.05 -16.83
C GLU L 99 -2.32 20.32 -17.63
N GLU L 100 -1.48 21.17 -17.08
CA GLU L 100 -1.18 22.40 -17.80
C GLU L 100 -0.24 22.20 -18.99
N ASP L 101 0.43 21.06 -19.10
CA ASP L 101 1.21 20.75 -20.29
C ASP L 101 0.30 20.28 -21.42
N PHE L 102 -1.03 20.37 -21.24
CA PHE L 102 -2.03 20.01 -22.25
C PHE L 102 -2.16 18.51 -22.47
N PHE L 103 -1.65 17.72 -21.54
CA PHE L 103 -1.83 16.28 -21.58
C PHE L 103 -2.82 15.79 -20.52
N LEU L 104 -3.50 14.71 -20.86
CA LEU L 104 -4.33 13.97 -19.93
C LEU L 104 -3.54 12.75 -19.52
N TYR L 105 -3.30 12.58 -18.22
CA TYR L 105 -2.52 11.46 -17.75
C TYR L 105 -3.45 10.40 -17.18
N ILE L 106 -3.16 9.13 -17.48
CA ILE L 106 -3.97 8.01 -17.06
C ILE L 106 -3.03 6.89 -16.59
N ALA L 107 -3.17 6.47 -15.34
CA ALA L 107 -2.48 5.29 -14.84
C ALA L 107 -3.43 4.10 -14.89
N TYR L 108 -2.86 2.90 -14.95
CA TYR L 108 -3.69 1.71 -14.97
C TYR L 108 -3.07 0.66 -14.06
N SER L 109 -3.95 -0.12 -13.43
CA SER L 109 -3.50 -1.20 -12.56
C SER L 109 -4.47 -2.37 -12.68
N ASP L 110 -4.01 -3.53 -12.22
CA ASP L 110 -4.88 -4.69 -12.08
C ASP L 110 -5.72 -4.62 -10.82
N GLU L 111 -5.42 -3.69 -9.92
CA GLU L 111 -6.11 -3.48 -8.66
C GLU L 111 -6.84 -2.15 -8.66
N SER L 112 -7.84 -2.06 -7.78
CA SER L 112 -8.72 -0.90 -7.65
C SER L 112 -8.15 0.20 -6.77
N VAL L 113 -6.92 0.05 -6.26
CA VAL L 113 -6.23 1.11 -5.53
C VAL L 113 -4.89 1.34 -6.23
N TYR L 114 -4.60 2.60 -6.56
CA TYR L 114 -3.36 2.93 -7.26
C TYR L 114 -2.16 2.62 -6.38
N GLY L 115 -1.26 1.79 -6.89
CA GLY L 115 -0.09 1.40 -6.12
C GLY L 115 1.13 2.19 -6.52
N LYS M 1 7.90 -22.24 -32.88
CA LYS M 1 7.48 -21.37 -31.79
C LYS M 1 8.47 -20.22 -31.60
N PHE M 2 9.16 -19.85 -32.68
CA PHE M 2 9.96 -18.64 -32.70
C PHE M 2 9.65 -17.90 -34.01
N VAL M 3 9.45 -16.58 -33.91
CA VAL M 3 9.14 -15.81 -35.10
C VAL M 3 10.39 -15.70 -35.95
N TYR M 4 11.57 -15.82 -35.32
CA TYR M 4 12.81 -15.83 -36.10
C TYR M 4 12.88 -17.02 -37.03
N LYS M 5 12.38 -18.19 -36.61
CA LYS M 5 12.40 -19.38 -37.45
C LYS M 5 11.39 -19.32 -38.58
N GLU M 6 10.38 -18.44 -38.48
CA GLU M 6 9.40 -18.30 -39.55
C GLU M 6 9.81 -17.21 -40.53
N GLU M 7 10.34 -16.11 -40.02
CA GLU M 7 10.77 -14.97 -40.84
C GLU M 7 12.09 -15.20 -41.56
N HIS M 8 12.81 -16.31 -41.29
CA HIS M 8 14.08 -16.60 -41.92
C HIS M 8 14.06 -18.05 -42.38
N PRO M 9 14.54 -18.35 -43.58
CA PRO M 9 14.52 -19.73 -44.06
C PRO M 9 15.57 -20.59 -43.36
N PHE M 10 15.39 -21.90 -43.50
CA PHE M 10 16.32 -22.80 -42.81
C PHE M 10 17.74 -22.62 -43.32
N GLU M 11 17.95 -22.58 -44.64
CA GLU M 11 19.31 -22.57 -45.17
C GLU M 11 20.06 -21.28 -44.90
N LYS M 12 19.39 -20.13 -45.00
CA LYS M 12 20.08 -18.87 -44.64
C LYS M 12 20.53 -18.89 -43.18
N ARG M 13 19.63 -19.32 -42.29
CA ARG M 13 19.99 -19.42 -40.89
C ARG M 13 21.14 -20.41 -40.71
N ARG M 14 21.09 -21.53 -41.41
CA ARG M 14 22.12 -22.54 -41.23
C ARG M 14 23.48 -22.07 -41.73
N SER M 15 23.53 -21.43 -42.91
CA SER M 15 24.79 -20.93 -43.46
C SER M 15 25.39 -19.91 -42.51
N GLU M 16 24.56 -18.99 -42.01
CA GLU M 16 25.03 -18.00 -41.06
C GLU M 16 25.57 -18.67 -39.79
N GLY M 17 24.88 -19.69 -39.29
CA GLY M 17 25.31 -20.34 -38.07
C GLY M 17 26.59 -21.14 -38.22
N GLU M 18 26.72 -21.90 -39.31
CA GLU M 18 27.96 -22.63 -39.56
C GLU M 18 29.16 -21.68 -39.70
N LYS M 19 28.96 -20.57 -40.42
CA LYS M 19 30.04 -19.59 -40.53
C LYS M 19 30.42 -19.03 -39.15
N ILE M 20 29.42 -18.67 -38.34
CA ILE M 20 29.72 -18.08 -37.03
C ILE M 20 30.42 -19.09 -36.13
N ARG M 21 29.98 -20.36 -36.18
CA ARG M 21 30.60 -21.35 -35.31
C ARG M 21 32.06 -21.58 -35.66
N LYS M 22 32.40 -21.64 -36.96
CA LYS M 22 33.81 -21.84 -37.23
C LYS M 22 34.62 -20.55 -37.04
N LYS M 23 34.01 -19.37 -37.23
CA LYS M 23 34.75 -18.13 -37.02
C LYS M 23 34.91 -17.76 -35.55
N TYR M 24 33.93 -18.09 -34.70
CA TYR M 24 33.98 -17.81 -33.26
C TYR M 24 33.85 -19.11 -32.48
N PRO M 25 34.85 -19.98 -32.56
CA PRO M 25 34.71 -21.30 -31.91
C PRO M 25 34.57 -21.22 -30.39
N ASP M 26 35.04 -20.14 -29.75
CA ASP M 26 34.90 -19.96 -28.30
C ASP M 26 33.55 -19.35 -27.91
N ARG M 27 32.63 -19.16 -28.85
CA ARG M 27 31.29 -18.64 -28.57
C ARG M 27 30.20 -19.50 -29.19
N VAL M 28 28.99 -19.32 -28.68
CA VAL M 28 27.80 -20.04 -29.13
C VAL M 28 26.77 -19.01 -29.55
N PRO M 29 26.09 -19.19 -30.69
CA PRO M 29 25.04 -18.24 -31.09
C PRO M 29 23.64 -18.65 -30.61
N VAL M 30 22.91 -17.72 -29.99
CA VAL M 30 21.64 -18.03 -29.34
C VAL M 30 20.60 -17.00 -29.75
N ILE M 31 19.38 -17.49 -30.05
CA ILE M 31 18.20 -16.67 -30.28
C ILE M 31 17.35 -16.65 -29.01
N VAL M 32 17.03 -15.45 -28.55
CA VAL M 32 16.30 -15.21 -27.31
C VAL M 32 15.01 -14.50 -27.69
N GLU M 33 13.87 -15.09 -27.32
CA GLU M 33 12.57 -14.48 -27.57
C GLU M 33 11.71 -14.62 -26.32
N LYS M 34 10.76 -13.71 -26.17
CA LYS M 34 9.77 -13.78 -25.11
C LYS M 34 8.75 -14.84 -25.49
N ALA M 35 8.37 -15.65 -24.51
CA ALA M 35 7.35 -16.67 -24.77
C ALA M 35 6.05 -15.98 -25.18
N PRO M 36 5.25 -16.63 -26.03
CA PRO M 36 4.02 -15.97 -26.53
C PRO M 36 3.10 -15.49 -25.43
N LYS M 37 2.74 -16.34 -24.46
CA LYS M 37 1.80 -15.99 -23.40
C LYS M 37 2.49 -15.24 -22.25
N ALA M 38 3.63 -14.64 -22.52
CA ALA M 38 4.41 -14.00 -21.47
C ALA M 38 3.89 -12.61 -21.20
N ARG M 39 3.93 -12.22 -19.93
CA ARG M 39 3.56 -10.86 -19.53
C ARG M 39 4.80 -10.05 -19.16
N ILE M 40 5.90 -10.30 -19.87
CA ILE M 40 7.15 -9.61 -19.66
C ILE M 40 7.46 -8.77 -20.88
N GLY M 41 8.42 -7.86 -20.70
CA GLY M 41 8.88 -7.03 -21.80
C GLY M 41 9.64 -7.81 -22.87
N ASP M 42 9.60 -7.26 -24.08
CA ASP M 42 10.24 -7.90 -25.20
C ASP M 42 11.67 -7.40 -25.31
N LEU M 43 12.51 -8.18 -25.98
CA LEU M 43 13.94 -7.88 -26.08
C LEU M 43 14.18 -7.27 -27.46
N ASP M 44 14.89 -6.14 -27.49
CA ASP M 44 15.07 -5.44 -28.76
C ASP M 44 15.79 -6.33 -29.79
N LYS M 45 16.93 -6.88 -29.41
CA LYS M 45 17.66 -7.79 -30.29
C LYS M 45 17.43 -9.22 -29.81
N LYS M 46 17.44 -10.14 -30.75
CA LYS M 46 17.16 -11.54 -30.54
C LYS M 46 18.39 -12.42 -30.70
N LYS M 47 19.41 -11.93 -31.40
CA LYS M 47 20.62 -12.68 -31.69
C LYS M 47 21.73 -12.27 -30.73
N TYR M 48 22.30 -13.25 -30.02
CA TYR M 48 23.33 -13.02 -29.00
C TYR M 48 24.43 -14.04 -29.22
N LEU M 49 25.68 -13.58 -29.26
CA LEU M 49 26.85 -14.44 -29.36
C LEU M 49 27.52 -14.48 -28.00
N VAL M 50 27.54 -15.65 -27.37
CA VAL M 50 27.90 -15.74 -25.96
C VAL M 50 29.16 -16.56 -25.76
N PRO M 51 30.05 -16.17 -24.84
CA PRO M 51 31.19 -17.05 -24.52
C PRO M 51 30.66 -18.41 -24.07
N SER M 52 31.14 -19.47 -24.71
CA SER M 52 30.63 -20.80 -24.39
C SER M 52 30.88 -21.19 -22.93
N ASP M 53 31.80 -20.50 -22.24
CA ASP M 53 32.04 -20.81 -20.83
C ASP M 53 31.17 -19.97 -19.89
N LEU M 54 30.43 -18.98 -20.38
CA LEU M 54 29.49 -18.27 -19.53
C LEU M 54 28.42 -19.24 -19.05
N THR M 55 27.95 -19.05 -17.84
CA THR M 55 26.98 -20.00 -17.29
C THR M 55 25.57 -19.57 -17.62
N VAL M 56 24.67 -20.55 -17.64
CA VAL M 56 23.26 -20.24 -17.86
C VAL M 56 22.81 -19.18 -16.85
N GLY M 57 23.28 -19.29 -15.61
CA GLY M 57 22.90 -18.30 -14.62
C GLY M 57 23.43 -16.92 -14.95
N GLN M 58 24.67 -16.83 -15.40
CA GLN M 58 25.22 -15.54 -15.83
C GLN M 58 24.44 -14.96 -17.01
N PHE M 59 24.11 -15.80 -18.01
CA PHE M 59 23.30 -15.34 -19.13
C PHE M 59 21.92 -14.91 -18.68
N TYR M 60 21.35 -15.66 -17.73
CA TYR M 60 20.08 -15.30 -17.10
C TYR M 60 20.16 -13.89 -16.54
N PHE M 61 21.25 -13.57 -15.84
CA PHE M 61 21.40 -12.23 -15.30
C PHE M 61 21.50 -11.19 -16.41
N LEU M 62 22.29 -11.49 -17.43
CA LEU M 62 22.42 -10.54 -18.54
C LEU M 62 21.07 -10.24 -19.16
N ILE M 63 20.27 -11.29 -19.41
CA ILE M 63 18.97 -11.10 -20.04
C ILE M 63 18.03 -10.36 -19.09
N ARG M 64 18.13 -10.65 -17.81
CA ARG M 64 17.30 -9.92 -16.84
C ARG M 64 17.61 -8.43 -16.92
N LYS M 65 18.90 -8.09 -16.88
CA LYS M 65 19.29 -6.69 -16.94
C LYS M 65 18.83 -6.05 -18.26
N ARG M 66 18.97 -6.74 -19.39
CA ARG M 66 18.68 -6.09 -20.66
C ARG M 66 17.21 -5.73 -20.83
N ILE M 67 16.30 -6.43 -20.15
CA ILE M 67 14.91 -5.96 -20.09
C ILE M 67 14.60 -5.21 -18.79
N HIS M 68 15.63 -4.89 -18.02
CA HIS M 68 15.59 -4.01 -16.86
C HIS M 68 14.52 -4.43 -15.88
N LEU M 69 14.73 -5.65 -15.36
CA LEU M 69 13.77 -6.30 -14.49
C LEU M 69 14.16 -6.03 -13.03
N ARG M 70 13.17 -5.73 -12.20
CA ARG M 70 13.40 -5.62 -10.76
C ARG M 70 13.58 -7.03 -10.19
N ALA M 71 14.10 -7.09 -8.97
CA ALA M 71 14.38 -8.39 -8.37
C ALA M 71 13.12 -9.18 -8.05
N GLU M 72 12.05 -8.50 -7.64
CA GLU M 72 10.77 -9.16 -7.40
C GLU M 72 10.22 -9.83 -8.68
N ASP M 73 10.66 -9.46 -9.86
CA ASP M 73 10.15 -10.07 -11.08
C ASP M 73 10.82 -11.42 -11.34
N ALA M 74 10.04 -12.40 -11.79
CA ALA M 74 10.55 -13.73 -12.11
C ALA M 74 10.87 -13.84 -13.60
N LEU M 75 11.81 -14.74 -13.93
CA LEU M 75 12.14 -15.05 -15.31
C LEU M 75 12.55 -16.52 -15.42
N PHE M 76 11.97 -17.21 -16.39
CA PHE M 76 12.30 -18.60 -16.63
C PHE M 76 12.73 -18.76 -18.09
N PHE M 77 13.81 -19.53 -18.28
CA PHE M 77 14.30 -19.88 -19.61
C PHE M 77 13.74 -21.23 -20.03
N PHE M 78 13.42 -21.37 -21.31
CA PHE M 78 12.95 -22.63 -21.87
C PHE M 78 13.82 -22.96 -23.07
N VAL M 79 14.52 -24.08 -22.99
CA VAL M 79 15.25 -24.67 -24.11
C VAL M 79 14.60 -26.01 -24.43
N ASN M 80 13.95 -26.12 -25.58
CA ASN M 80 13.40 -27.41 -25.98
C ASN M 80 12.54 -28.00 -24.88
N ASN M 81 11.67 -27.18 -24.34
CA ASN M 81 10.69 -27.62 -23.37
C ASN M 81 11.30 -27.98 -22.03
N VAL M 82 12.52 -27.54 -21.73
CA VAL M 82 13.13 -27.80 -20.42
C VAL M 82 13.75 -26.52 -19.89
N ILE M 83 13.60 -26.30 -18.59
CA ILE M 83 14.25 -25.19 -17.89
C ILE M 83 15.69 -25.63 -17.72
N PRO M 84 16.66 -24.91 -18.28
CA PRO M 84 18.03 -25.36 -18.19
C PRO M 84 18.58 -25.09 -16.79
N PRO M 85 19.54 -25.90 -16.34
CA PRO M 85 20.18 -25.62 -15.05
C PRO M 85 21.02 -24.36 -15.11
N THR M 86 20.99 -23.57 -14.05
CA THR M 86 21.84 -22.36 -14.07
C THR M 86 23.32 -22.70 -13.99
N SER M 87 23.67 -23.84 -13.40
CA SER M 87 25.05 -24.26 -13.24
C SER M 87 25.66 -24.75 -14.54
N ALA M 88 24.86 -24.86 -15.60
CA ALA M 88 25.36 -25.26 -16.89
C ALA M 88 26.03 -24.09 -17.60
N THR M 89 27.00 -24.41 -18.44
CA THR M 89 27.58 -23.39 -19.31
C THR M 89 26.77 -23.32 -20.61
N MET M 90 26.76 -22.13 -21.22
CA MET M 90 26.09 -21.97 -22.50
C MET M 90 26.65 -22.95 -23.52
N GLY M 91 27.93 -23.30 -23.41
CA GLY M 91 28.49 -24.29 -24.31
C GLY M 91 27.83 -25.65 -24.18
N GLN M 92 27.65 -26.13 -22.94
CA GLN M 92 26.96 -27.40 -22.78
C GLN M 92 25.53 -27.31 -23.29
N LEU M 93 24.87 -26.22 -23.00
CA LEU M 93 23.50 -26.09 -23.44
C LEU M 93 23.42 -26.15 -24.94
N TYR M 94 24.38 -25.52 -25.61
CA TYR M 94 24.47 -25.59 -27.06
C TYR M 94 24.75 -27.02 -27.53
N GLN M 95 25.77 -27.66 -26.96
CA GLN M 95 26.09 -29.03 -27.34
C GLN M 95 24.87 -29.95 -27.24
N GLU M 96 23.98 -29.69 -26.30
CA GLU M 96 22.83 -30.57 -26.11
C GLU M 96 21.62 -30.15 -26.91
N HIS M 97 21.38 -28.85 -27.09
CA HIS M 97 20.15 -28.36 -27.67
C HIS M 97 20.26 -27.52 -28.92
N HIS M 98 21.45 -27.36 -29.51
CA HIS M 98 21.55 -26.56 -30.72
C HIS M 98 20.73 -27.21 -31.80
N GLU M 99 20.00 -26.41 -32.56
CA GLU M 99 19.19 -26.95 -33.63
C GLU M 99 20.07 -27.30 -34.84
N GLU M 100 19.44 -27.76 -35.92
CA GLU M 100 20.18 -28.13 -37.12
C GLU M 100 20.68 -26.94 -37.92
N ASP M 101 20.20 -25.73 -37.63
CA ASP M 101 20.74 -24.52 -38.20
C ASP M 101 21.96 -24.03 -37.42
N PHE M 102 22.40 -24.80 -36.41
CA PHE M 102 23.52 -24.47 -35.53
C PHE M 102 23.20 -23.35 -34.55
N PHE M 103 21.93 -23.01 -34.37
CA PHE M 103 21.54 -22.03 -33.38
C PHE M 103 20.93 -22.69 -32.14
N LEU M 104 21.12 -22.03 -30.99
CA LEU M 104 20.48 -22.40 -29.74
C LEU M 104 19.33 -21.45 -29.51
N TYR M 105 18.11 -21.99 -29.37
CA TYR M 105 16.94 -21.15 -29.18
C TYR M 105 16.49 -21.22 -27.73
N ILE M 106 16.17 -20.05 -27.18
CA ILE M 106 15.79 -19.92 -25.78
C ILE M 106 14.57 -19.00 -25.70
N ALA M 107 13.46 -19.51 -25.19
CA ALA M 107 12.30 -18.66 -24.89
C ALA M 107 12.37 -18.24 -23.43
N TYR M 108 11.71 -17.13 -23.10
CA TYR M 108 11.73 -16.66 -21.73
C TYR M 108 10.34 -16.19 -21.36
N SER M 109 9.95 -16.43 -20.11
CA SER M 109 8.64 -16.00 -19.67
C SER M 109 8.70 -15.62 -18.21
N ASP M 110 7.65 -14.92 -17.74
CA ASP M 110 7.50 -14.68 -16.31
C ASP M 110 6.96 -15.89 -15.59
N GLU M 111 6.52 -16.90 -16.35
CA GLU M 111 5.99 -18.14 -15.81
C GLU M 111 6.93 -19.32 -16.06
N SER M 112 6.75 -20.34 -15.22
CA SER M 112 7.50 -21.60 -15.20
C SER M 112 6.95 -22.63 -16.19
N VAL M 113 5.93 -22.27 -16.96
CA VAL M 113 5.36 -23.13 -17.99
C VAL M 113 5.36 -22.32 -19.28
N TYR M 114 5.95 -22.89 -20.33
CA TYR M 114 6.00 -22.18 -21.60
C TYR M 114 4.58 -22.00 -22.12
N GLY M 115 4.21 -20.75 -22.37
CA GLY M 115 2.93 -20.45 -22.97
C GLY M 115 3.11 -19.60 -24.23
N LYS N 1 31.32 17.14 8.04
CA LYS N 1 31.42 17.25 6.59
C LYS N 1 31.35 15.86 5.98
N PHE N 2 31.10 15.82 4.68
CA PHE N 2 31.07 14.57 3.93
C PHE N 2 32.42 14.32 3.27
N VAL N 3 32.89 13.07 3.36
CA VAL N 3 34.16 12.73 2.73
C VAL N 3 34.02 12.52 1.22
N TYR N 4 32.81 12.24 0.71
CA TYR N 4 32.66 12.06 -0.74
C TYR N 4 33.01 13.35 -1.50
N LYS N 5 32.69 14.52 -0.93
CA LYS N 5 32.96 15.82 -1.57
C LYS N 5 34.42 16.26 -1.48
N GLU N 6 35.21 15.65 -0.60
CA GLU N 6 36.64 15.94 -0.49
C GLU N 6 37.47 14.98 -1.34
N GLU N 7 37.08 13.70 -1.38
CA GLU N 7 37.79 12.75 -2.25
C GLU N 7 37.45 12.92 -3.72
N HIS N 8 36.46 13.75 -4.06
CA HIS N 8 36.05 13.98 -5.44
C HIS N 8 35.91 15.48 -5.63
N PRO N 9 36.42 16.04 -6.71
CA PRO N 9 36.28 17.48 -6.93
C PRO N 9 34.85 17.81 -7.30
N PHE N 10 34.50 19.09 -7.19
CA PHE N 10 33.13 19.46 -7.47
C PHE N 10 32.75 19.12 -8.88
N GLU N 11 33.64 19.45 -9.82
CA GLU N 11 33.30 19.35 -11.24
C GLU N 11 33.00 17.92 -11.65
N LYS N 12 33.77 16.95 -11.16
CA LYS N 12 33.44 15.55 -11.39
C LYS N 12 32.06 15.22 -10.83
N ARG N 13 31.79 15.65 -9.59
CA ARG N 13 30.55 15.31 -8.92
C ARG N 13 29.34 15.89 -9.62
N ARG N 14 29.41 17.17 -10.03
CA ARG N 14 28.26 17.78 -10.71
C ARG N 14 28.03 17.11 -12.04
N SER N 15 29.10 16.80 -12.75
CA SER N 15 28.95 16.05 -13.99
C SER N 15 28.26 14.71 -13.74
N GLU N 16 28.70 13.98 -12.70
CA GLU N 16 28.06 12.72 -12.35
C GLU N 16 26.59 12.94 -12.00
N GLY N 17 26.29 14.07 -11.33
CA GLY N 17 24.92 14.36 -10.92
C GLY N 17 24.02 14.64 -12.10
N GLU N 18 24.49 15.49 -13.01
CA GLU N 18 23.73 15.75 -14.23
C GLU N 18 23.52 14.45 -15.00
N LYS N 19 24.57 13.63 -15.08
CA LYS N 19 24.50 12.37 -15.83
C LYS N 19 23.43 11.43 -15.27
N ILE N 20 23.42 11.21 -13.95
CA ILE N 20 22.41 10.30 -13.41
C ILE N 20 21.01 10.93 -13.47
N ARG N 21 20.93 12.24 -13.25
CA ARG N 21 19.62 12.90 -13.30
C ARG N 21 19.03 12.76 -14.70
N LYS N 22 19.88 12.80 -15.73
CA LYS N 22 19.38 12.62 -17.09
C LYS N 22 19.14 11.14 -17.42
N LYS N 23 19.96 10.25 -16.86
CA LYS N 23 19.94 8.82 -17.17
C LYS N 23 18.93 8.04 -16.34
N TYR N 24 18.77 8.35 -15.04
CA TYR N 24 17.77 7.67 -14.21
C TYR N 24 16.88 8.72 -13.55
N PRO N 25 16.07 9.45 -14.32
CA PRO N 25 15.29 10.56 -13.73
C PRO N 25 14.24 10.10 -12.73
N ASP N 26 13.80 8.84 -12.80
CA ASP N 26 12.77 8.34 -11.91
C ASP N 26 13.30 7.97 -10.54
N ARG N 27 14.61 8.11 -10.30
CA ARG N 27 15.24 7.82 -9.03
C ARG N 27 16.03 9.06 -8.64
N VAL N 28 16.42 9.13 -7.38
CA VAL N 28 17.11 10.28 -6.82
C VAL N 28 18.47 9.79 -6.35
N PRO N 29 19.54 10.51 -6.62
CA PRO N 29 20.85 10.09 -6.12
C PRO N 29 21.10 10.63 -4.73
N VAL N 30 21.57 9.78 -3.84
CA VAL N 30 21.75 10.10 -2.44
C VAL N 30 23.12 9.64 -2.03
N ILE N 31 23.92 10.53 -1.45
CA ILE N 31 25.17 10.15 -0.81
C ILE N 31 24.90 10.04 0.69
N VAL N 32 25.22 8.90 1.29
CA VAL N 32 24.91 8.62 2.68
C VAL N 32 26.21 8.38 3.42
N GLU N 33 26.43 9.12 4.50
CA GLU N 33 27.66 8.98 5.27
C GLU N 33 27.39 8.86 6.77
N LYS N 34 28.35 8.24 7.45
CA LYS N 34 28.31 8.15 8.90
C LYS N 34 28.73 9.49 9.49
N ALA N 35 27.97 9.97 10.46
CA ALA N 35 28.44 11.15 11.17
C ALA N 35 29.77 10.83 11.86
N PRO N 36 30.71 11.78 11.88
CA PRO N 36 32.04 11.45 12.46
C PRO N 36 31.97 10.95 13.89
N LYS N 37 31.27 11.64 14.78
CA LYS N 37 31.29 11.20 16.17
C LYS N 37 30.36 10.04 16.43
N ALA N 38 29.94 9.31 15.39
CA ALA N 38 28.96 8.26 15.57
C ALA N 38 29.65 6.99 16.06
N ARG N 39 29.00 6.33 17.02
CA ARG N 39 29.47 5.06 17.56
C ARG N 39 28.66 3.90 16.99
N ILE N 40 28.25 4.03 15.72
CA ILE N 40 27.49 3.02 15.00
C ILE N 40 28.35 2.53 13.84
N GLY N 41 27.92 1.40 13.27
CA GLY N 41 28.70 0.76 12.22
C GLY N 41 28.63 1.52 10.91
N ASP N 42 29.69 1.35 10.10
CA ASP N 42 29.85 2.07 8.85
C ASP N 42 29.36 1.27 7.65
N LEU N 43 29.12 1.97 6.55
CA LEU N 43 28.59 1.40 5.32
C LEU N 43 29.63 1.36 4.21
N ASP N 44 29.80 0.20 3.58
CA ASP N 44 30.70 0.09 2.43
C ASP N 44 30.27 1.01 1.30
N LYS N 45 28.96 1.02 1.00
CA LYS N 45 28.42 1.84 -0.07
C LYS N 45 27.92 3.15 0.51
N LYS N 46 28.09 4.21 -0.28
CA LYS N 46 27.66 5.55 0.05
C LYS N 46 26.67 6.09 -0.95
N LYS N 47 26.65 5.53 -2.16
CA LYS N 47 25.86 6.02 -3.29
C LYS N 47 24.62 5.16 -3.44
N TYR N 48 23.44 5.78 -3.37
CA TYR N 48 22.16 5.08 -3.41
C TYR N 48 21.25 5.80 -4.39
N LEU N 49 20.64 5.06 -5.33
CA LEU N 49 19.68 5.60 -6.27
C LEU N 49 18.32 5.14 -5.78
N VAL N 50 17.48 6.06 -5.34
CA VAL N 50 16.29 5.70 -4.57
C VAL N 50 15.02 6.08 -5.32
N PRO N 51 13.95 5.29 -5.26
CA PRO N 51 12.70 5.74 -5.89
C PRO N 51 12.31 7.08 -5.30
N SER N 52 12.04 8.05 -6.17
CA SER N 52 11.68 9.37 -5.68
C SER N 52 10.43 9.35 -4.82
N ASP N 53 9.63 8.27 -4.90
CA ASP N 53 8.40 8.09 -4.14
C ASP N 53 8.61 7.41 -2.79
N LEU N 54 9.82 6.92 -2.52
CA LEU N 54 10.16 6.34 -1.23
C LEU N 54 10.14 7.36 -0.09
N THR N 55 9.76 6.90 1.09
CA THR N 55 9.66 7.76 2.26
C THR N 55 10.94 7.72 3.09
N VAL N 56 11.11 8.77 3.92
CA VAL N 56 12.20 8.79 4.88
C VAL N 56 12.16 7.55 5.77
N GLY N 57 10.96 7.10 6.14
CA GLY N 57 10.85 5.89 6.96
C GLY N 57 11.30 4.64 6.23
N GLN N 58 10.90 4.51 4.96
CA GLN N 58 11.37 3.40 4.14
C GLN N 58 12.89 3.41 4.07
N PHE N 59 13.48 4.59 3.82
CA PHE N 59 14.93 4.70 3.73
C PHE N 59 15.59 4.43 5.07
N TYR N 60 15.00 4.91 6.17
CA TYR N 60 15.49 4.59 7.50
C TYR N 60 15.63 3.07 7.65
N PHE N 61 14.57 2.34 7.30
CA PHE N 61 14.62 0.89 7.42
C PHE N 61 15.69 0.28 6.50
N LEU N 62 15.82 0.81 5.28
CA LEU N 62 16.82 0.31 4.35
C LEU N 62 18.21 0.39 4.98
N ILE N 63 18.53 1.55 5.56
CA ILE N 63 19.87 1.79 6.05
C ILE N 63 20.12 1.01 7.32
N ARG N 64 19.12 0.92 8.19
CA ARG N 64 19.32 0.17 9.42
C ARG N 64 19.65 -1.29 9.11
N LYS N 65 18.90 -1.91 8.21
CA LYS N 65 19.18 -3.32 7.95
C LYS N 65 20.58 -3.50 7.41
N ARG N 66 20.98 -2.64 6.46
CA ARG N 66 22.29 -2.93 5.85
C ARG N 66 23.50 -2.88 6.79
N ILE N 67 23.43 -2.20 7.91
CA ILE N 67 24.49 -2.23 8.92
C ILE N 67 24.14 -3.17 10.08
N HIS N 68 23.18 -4.03 9.88
CA HIS N 68 22.85 -5.08 10.84
C HIS N 68 22.59 -4.49 12.23
N LEU N 69 21.62 -3.60 12.27
CA LEU N 69 21.29 -2.84 13.47
C LEU N 69 20.16 -3.51 14.24
N ARG N 70 20.32 -3.62 15.55
CA ARG N 70 19.25 -4.15 16.37
C ARG N 70 18.14 -3.11 16.50
N ALA N 71 16.98 -3.57 16.95
CA ALA N 71 15.87 -2.64 17.12
C ALA N 71 16.13 -1.71 18.29
N GLU N 72 16.78 -2.22 19.35
CA GLU N 72 17.20 -1.41 20.49
C GLU N 72 18.19 -0.30 20.14
N ASP N 73 18.94 -0.44 19.05
CA ASP N 73 19.92 0.57 18.66
C ASP N 73 19.24 1.75 17.95
N ALA N 74 19.73 2.95 18.19
CA ALA N 74 19.15 4.14 17.61
C ALA N 74 19.79 4.51 16.27
N LEU N 75 19.00 5.18 15.43
CA LEU N 75 19.49 5.73 14.18
C LEU N 75 18.71 7.00 13.84
N PHE N 76 19.45 8.05 13.54
CA PHE N 76 18.89 9.33 13.14
C PHE N 76 19.54 9.76 11.82
N PHE N 77 18.71 10.32 10.94
CA PHE N 77 19.18 10.91 9.70
C PHE N 77 19.30 12.43 9.82
N PHE N 78 20.30 12.99 9.14
CA PHE N 78 20.53 14.43 9.11
C PHE N 78 20.69 14.93 7.67
N VAL N 79 19.81 15.85 7.28
CA VAL N 79 19.92 16.60 6.04
C VAL N 79 20.14 18.07 6.39
N ASN N 80 21.41 18.48 6.48
CA ASN N 80 21.79 19.84 6.82
C ASN N 80 21.73 19.99 8.32
N ASN N 81 22.14 18.95 9.05
CA ASN N 81 22.17 18.93 10.51
C ASN N 81 20.78 18.94 11.14
N VAL N 82 19.73 18.60 10.39
CA VAL N 82 18.38 18.60 10.90
C VAL N 82 17.76 17.26 10.52
N ILE N 83 17.10 16.63 11.48
CA ILE N 83 16.49 15.33 11.26
C ILE N 83 15.29 15.52 10.34
N PRO N 84 15.27 14.85 9.19
CA PRO N 84 14.16 15.03 8.26
C PRO N 84 12.91 14.39 8.81
N PRO N 85 11.73 14.90 8.46
CA PRO N 85 10.49 14.26 8.90
C PRO N 85 10.32 12.89 8.26
N THR N 86 9.89 11.91 9.05
CA THR N 86 9.68 10.57 8.56
C THR N 86 8.56 10.50 7.52
N SER N 87 7.65 11.50 7.53
CA SER N 87 6.56 11.51 6.57
C SER N 87 7.03 11.97 5.20
N ALA N 88 8.23 12.51 5.05
CA ALA N 88 8.67 13.05 3.77
C ALA N 88 9.20 11.97 2.83
N THR N 89 8.99 12.18 1.54
CA THR N 89 9.55 11.32 0.51
C THR N 89 10.93 11.85 0.10
N MET N 90 11.82 10.92 -0.27
CA MET N 90 13.15 11.31 -0.70
C MET N 90 13.09 12.32 -1.83
N GLY N 91 12.05 12.25 -2.65
CA GLY N 91 11.88 13.23 -3.70
C GLY N 91 11.73 14.62 -3.13
N GLN N 92 10.91 14.79 -2.09
CA GLN N 92 10.76 16.13 -1.52
C GLN N 92 12.10 16.65 -1.02
N LEU N 93 12.86 15.81 -0.33
CA LEU N 93 14.14 16.19 0.22
C LEU N 93 15.14 16.57 -0.86
N TYR N 94 15.14 15.81 -1.96
CA TYR N 94 16.01 16.15 -3.08
C TYR N 94 15.59 17.48 -3.70
N GLN N 95 14.30 17.64 -4.01
CA GLN N 95 13.82 18.85 -4.67
C GLN N 95 14.22 20.09 -3.90
N GLU N 96 14.18 20.01 -2.57
CA GLU N 96 14.52 21.22 -1.80
C GLU N 96 16.00 21.37 -1.39
N HIS N 97 16.69 20.30 -1.05
CA HIS N 97 18.00 20.39 -0.44
C HIS N 97 19.12 19.76 -1.26
N HIS N 98 18.86 19.40 -2.53
CA HIS N 98 19.90 18.86 -3.37
C HIS N 98 21.01 19.90 -3.53
N GLU N 99 22.25 19.47 -3.40
CA GLU N 99 23.32 20.44 -3.58
C GLU N 99 23.53 20.77 -5.07
N GLU N 100 24.49 21.66 -5.35
CA GLU N 100 24.70 22.03 -6.73
C GLU N 100 25.37 20.91 -7.52
N ASP N 101 25.94 19.91 -6.90
CA ASP N 101 26.44 18.79 -7.68
C ASP N 101 25.33 17.82 -8.06
N PHE N 102 24.09 18.14 -7.71
CA PHE N 102 22.90 17.35 -8.04
C PHE N 102 22.80 16.07 -7.21
N PHE N 103 23.54 15.98 -6.12
CA PHE N 103 23.44 14.87 -5.17
C PHE N 103 22.79 15.34 -3.88
N LEU N 104 22.06 14.43 -3.23
CA LEU N 104 21.49 14.65 -1.92
C LEU N 104 22.38 13.96 -0.89
N TYR N 105 22.86 14.73 0.08
CA TYR N 105 23.76 14.19 1.10
C TYR N 105 22.98 14.01 2.39
N ILE N 106 23.16 12.87 3.04
CA ILE N 106 22.46 12.51 4.27
C ILE N 106 23.48 11.88 5.21
N ALA N 107 23.64 12.46 6.40
CA ALA N 107 24.43 11.82 7.44
C ALA N 107 23.52 10.98 8.37
N TYR N 108 24.13 9.99 9.05
CA TYR N 108 23.39 9.15 9.98
C TYR N 108 24.18 8.95 11.26
N SER N 109 23.46 8.85 12.37
CA SER N 109 24.12 8.68 13.66
C SER N 109 23.29 7.88 14.66
N ASP N 110 23.98 7.45 15.73
CA ASP N 110 23.36 6.93 16.94
C ASP N 110 22.97 8.02 17.91
N GLU N 111 23.31 9.28 17.64
CA GLU N 111 23.00 10.42 18.48
C GLU N 111 21.95 11.25 17.75
N SER N 112 21.12 11.98 18.51
CA SER N 112 20.04 12.80 17.94
C SER N 112 20.53 14.18 17.50
N VAL N 113 21.81 14.47 17.65
CA VAL N 113 22.45 15.68 17.18
C VAL N 113 23.64 15.29 16.33
N TYR N 114 23.71 15.86 15.13
CA TYR N 114 24.85 15.58 14.27
C TYR N 114 26.12 16.08 14.93
N GLY N 115 27.22 15.39 14.63
CA GLY N 115 28.50 15.71 15.24
C GLY N 115 29.66 14.82 14.80
N PHE O 2 0.45 16.50 28.91
CA PHE O 2 -0.09 15.14 29.04
C PHE O 2 -1.48 15.13 29.65
N VAL O 3 -2.35 14.27 29.11
CA VAL O 3 -3.70 14.17 29.64
C VAL O 3 -3.75 13.48 31.01
N TYR O 4 -2.74 12.69 31.38
CA TYR O 4 -2.77 12.10 32.71
C TYR O 4 -2.72 13.17 33.77
N LYS O 5 -1.92 14.25 33.55
CA LYS O 5 -1.81 15.36 34.48
C LYS O 5 -3.04 16.26 34.47
N GLU O 6 -3.87 16.17 33.44
CA GLU O 6 -5.11 16.91 33.37
C GLU O 6 -6.27 16.16 34.01
N GLU O 7 -6.35 14.86 33.77
CA GLU O 7 -7.39 14.02 34.35
C GLU O 7 -7.16 13.73 35.83
N HIS O 8 -6.00 14.07 36.38
CA HIS O 8 -5.72 13.83 37.78
C HIS O 8 -5.02 15.02 38.42
N PRO O 9 -5.44 15.40 39.63
CA PRO O 9 -4.78 16.50 40.31
C PRO O 9 -3.41 16.07 40.81
N PHE O 10 -2.60 17.08 41.13
CA PHE O 10 -1.23 16.80 41.51
C PHE O 10 -1.16 15.90 42.76
N GLU O 11 -1.97 16.19 43.79
CA GLU O 11 -1.81 15.54 45.08
C GLU O 11 -2.13 14.04 45.00
N LYS O 12 -3.18 13.70 44.22
CA LYS O 12 -3.53 12.29 44.00
C LYS O 12 -2.38 11.56 43.33
N ARG O 13 -1.84 12.16 42.27
CA ARG O 13 -0.74 11.55 41.52
C ARG O 13 0.50 11.40 42.38
N ARG O 14 0.85 12.44 43.14
CA ARG O 14 2.07 12.39 43.91
C ARG O 14 1.99 11.33 45.01
N SER O 15 0.86 11.24 45.73
CA SER O 15 0.75 10.17 46.71
C SER O 15 0.82 8.80 46.03
N GLU O 16 0.12 8.63 44.90
CA GLU O 16 0.15 7.34 44.20
C GLU O 16 1.57 6.95 43.83
N GLY O 17 2.35 7.92 43.37
CA GLY O 17 3.72 7.63 42.98
C GLY O 17 4.57 7.24 44.17
N GLU O 18 4.42 7.95 45.28
CA GLU O 18 5.15 7.60 46.49
C GLU O 18 4.80 6.18 46.94
N LYS O 19 3.51 5.83 46.91
CA LYS O 19 3.12 4.48 47.31
C LYS O 19 3.78 3.43 46.42
N ILE O 20 3.75 3.67 45.10
CA ILE O 20 4.26 2.71 44.12
C ILE O 20 5.77 2.60 44.21
N ARG O 21 6.45 3.73 44.39
CA ARG O 21 7.90 3.70 44.47
C ARG O 21 8.34 2.95 45.71
N LYS O 22 7.62 3.11 46.83
CA LYS O 22 8.02 2.40 48.04
C LYS O 22 7.59 0.93 48.02
N LYS O 23 6.46 0.59 47.36
CA LYS O 23 6.08 -0.82 47.37
C LYS O 23 6.84 -1.61 46.28
N TYR O 24 7.16 -0.99 45.14
CA TYR O 24 7.93 -1.64 44.07
C TYR O 24 9.23 -0.88 43.84
N PRO O 25 10.12 -0.85 44.83
CA PRO O 25 11.33 0.00 44.70
C PRO O 25 12.28 -0.46 43.61
N ASP O 26 12.26 -1.73 43.23
CA ASP O 26 13.16 -2.21 42.19
C ASP O 26 12.66 -1.86 40.79
N ARG O 27 11.52 -1.18 40.68
CA ARG O 27 10.91 -0.79 39.42
C ARG O 27 10.64 0.70 39.42
N VAL O 28 10.40 1.25 38.22
CA VAL O 28 10.15 2.68 38.09
C VAL O 28 8.78 2.88 37.47
N PRO O 29 7.98 3.83 37.99
CA PRO O 29 6.66 4.12 37.41
C PRO O 29 6.70 5.16 36.29
N VAL O 30 6.13 4.84 35.13
CA VAL O 30 6.24 5.67 33.95
C VAL O 30 4.88 5.80 33.31
N ILE O 31 4.52 7.03 32.95
CA ILE O 31 3.36 7.34 32.15
C ILE O 31 3.80 7.47 30.69
N VAL O 32 3.11 6.76 29.81
CA VAL O 32 3.45 6.71 28.38
C VAL O 32 2.24 7.19 27.60
N GLU O 33 2.43 8.22 26.81
CA GLU O 33 1.36 8.79 26.01
C GLU O 33 1.79 9.06 24.58
N LYS O 34 0.80 9.14 23.72
CA LYS O 34 0.99 9.49 22.33
C LYS O 34 1.29 10.98 22.27
N ALA O 35 2.30 11.33 21.48
CA ALA O 35 2.69 12.72 21.29
C ALA O 35 1.52 13.49 20.70
N PRO O 36 1.52 14.81 20.89
CA PRO O 36 0.36 15.60 20.46
C PRO O 36 -0.01 15.39 19.00
N LYS O 37 0.94 15.66 18.12
CA LYS O 37 0.70 15.56 16.68
C LYS O 37 1.03 14.18 16.13
N ALA O 38 1.09 13.15 16.97
CA ALA O 38 1.55 11.85 16.51
C ALA O 38 0.43 11.13 15.77
N ARG O 39 0.79 10.50 14.66
CA ARG O 39 -0.15 9.75 13.84
C ARG O 39 0.13 8.26 13.97
N ILE O 40 0.40 7.80 15.18
CA ILE O 40 0.66 6.39 15.43
C ILE O 40 -0.47 5.81 16.28
N GLY O 41 -0.51 4.48 16.38
CA GLY O 41 -1.56 3.82 17.11
C GLY O 41 -1.42 4.00 18.61
N ASP O 42 -2.55 3.91 19.31
CA ASP O 42 -2.62 4.24 20.71
C ASP O 42 -2.35 3.00 21.55
N LEU O 43 -1.95 3.22 22.79
CA LEU O 43 -1.51 2.15 23.69
C LEU O 43 -2.64 1.81 24.65
N ASP O 44 -2.85 0.50 24.85
CA ASP O 44 -3.97 0.04 25.66
C ASP O 44 -3.94 0.65 27.05
N LYS O 45 -2.80 0.54 27.75
CA LYS O 45 -2.60 1.27 28.99
C LYS O 45 -1.48 2.34 28.85
N LYS O 46 -1.53 3.31 29.78
CA LYS O 46 -0.53 4.36 29.89
C LYS O 46 0.36 4.26 31.11
N LYS O 47 -0.07 3.55 32.15
CA LYS O 47 0.73 3.42 33.35
C LYS O 47 1.53 2.12 33.29
N TYR O 48 2.84 2.24 33.47
CA TYR O 48 3.75 1.12 33.33
C TYR O 48 4.71 1.08 34.49
N LEU O 49 4.85 -0.10 35.08
CA LEU O 49 5.87 -0.35 36.08
C LEU O 49 6.96 -1.15 35.36
N VAL O 50 8.15 -0.54 35.21
CA VAL O 50 9.14 -1.11 34.28
C VAL O 50 10.36 -1.44 35.12
N PRO O 51 11.04 -2.55 34.85
CA PRO O 51 12.25 -2.88 35.61
C PRO O 51 13.29 -1.76 35.49
N SER O 52 13.79 -1.29 36.63
CA SER O 52 14.79 -0.23 36.61
C SER O 52 16.06 -0.67 35.90
N ASP O 53 16.26 -1.99 35.72
CA ASP O 53 17.46 -2.47 35.05
C ASP O 53 17.29 -2.60 33.54
N LEU O 54 16.06 -2.52 33.03
CA LEU O 54 15.82 -2.52 31.60
C LEU O 54 16.40 -1.27 30.96
N THR O 55 16.80 -1.37 29.70
CA THR O 55 17.37 -0.23 29.02
C THR O 55 16.32 0.57 28.28
N VAL O 56 16.64 1.83 28.00
CA VAL O 56 15.76 2.66 27.19
C VAL O 56 15.47 1.99 25.85
N GLY O 57 16.49 1.37 25.25
CA GLY O 57 16.28 0.69 23.99
C GLY O 57 15.35 -0.51 24.12
N GLN O 58 15.54 -1.32 25.17
CA GLN O 58 14.62 -2.44 25.41
C GLN O 58 13.20 -1.96 25.69
N PHE O 59 13.02 -0.88 26.48
CA PHE O 59 11.68 -0.36 26.67
C PHE O 59 11.07 0.13 25.36
N TYR O 60 11.89 0.79 24.55
CA TYR O 60 11.48 1.18 23.21
C TYR O 60 10.95 -0.03 22.46
N PHE O 61 11.68 -1.14 22.51
CA PHE O 61 11.24 -2.33 21.79
C PHE O 61 9.93 -2.85 22.35
N LEU O 62 9.80 -2.88 23.68
CA LEU O 62 8.57 -3.36 24.31
C LEU O 62 7.38 -2.55 23.83
N ILE O 63 7.50 -1.22 23.86
CA ILE O 63 6.39 -0.36 23.44
C ILE O 63 6.11 -0.55 21.95
N ARG O 64 7.16 -0.70 21.15
CA ARG O 64 6.98 -0.94 19.73
C ARG O 64 6.14 -2.17 19.48
N LYS O 65 6.48 -3.27 20.13
CA LYS O 65 5.72 -4.51 19.98
C LYS O 65 4.28 -4.33 20.48
N ARG O 66 4.09 -3.68 21.63
CA ARG O 66 2.77 -3.65 22.27
C ARG O 66 1.73 -2.89 21.45
N ILE O 67 2.13 -2.01 20.54
CA ILE O 67 1.18 -1.33 19.66
C ILE O 67 1.21 -1.91 18.23
N HIS O 68 1.77 -3.10 18.07
CA HIS O 68 1.76 -3.81 16.81
C HIS O 68 2.37 -2.96 15.69
N LEU O 69 3.61 -2.56 15.91
CA LEU O 69 4.33 -1.68 15.00
C LEU O 69 5.25 -2.51 14.10
N ARG O 70 5.18 -2.26 12.79
CA ARG O 70 6.07 -2.93 11.84
C ARG O 70 7.47 -2.32 11.91
N ALA O 71 8.40 -2.99 11.24
CA ALA O 71 9.81 -2.56 11.27
C ALA O 71 10.05 -1.28 10.50
N GLU O 72 9.37 -1.09 9.37
CA GLU O 72 9.50 0.16 8.64
C GLU O 72 8.85 1.34 9.36
N ASP O 73 7.98 1.09 10.33
CA ASP O 73 7.35 2.19 11.06
C ASP O 73 8.31 2.77 12.08
N ALA O 74 8.34 4.09 12.17
CA ALA O 74 9.23 4.81 13.08
C ALA O 74 8.60 5.04 14.45
N LEU O 75 9.45 5.16 15.46
CA LEU O 75 9.02 5.49 16.82
C LEU O 75 10.12 6.29 17.49
N PHE O 76 9.74 7.42 18.10
CA PHE O 76 10.64 8.29 18.83
C PHE O 76 10.08 8.55 20.22
N PHE O 77 10.95 8.50 21.23
CA PHE O 77 10.59 8.84 22.61
C PHE O 77 11.02 10.26 22.96
N PHE O 78 10.19 10.93 23.77
CA PHE O 78 10.47 12.28 24.26
C PHE O 78 10.28 12.29 25.77
N VAL O 79 11.36 12.60 26.50
CA VAL O 79 11.32 12.84 27.94
C VAL O 79 11.75 14.28 28.18
N ASN O 80 10.84 15.10 28.68
CA ASN O 80 11.16 16.49 28.99
C ASN O 80 11.80 17.19 27.81
N ASN O 81 11.24 16.97 26.63
CA ASN O 81 11.65 17.56 25.36
C ASN O 81 12.98 17.03 24.79
N VAL O 82 13.45 15.87 25.25
CA VAL O 82 14.70 15.31 24.75
C VAL O 82 14.48 13.85 24.40
N ILE O 83 15.06 13.44 23.28
CA ILE O 83 15.08 12.04 22.88
C ILE O 83 16.10 11.33 23.78
N PRO O 84 15.67 10.37 24.60
CA PRO O 84 16.61 9.76 25.54
C PRO O 84 17.58 8.82 24.83
N PRO O 85 18.77 8.62 25.39
CA PRO O 85 19.69 7.62 24.84
C PRO O 85 19.18 6.21 25.10
N THR O 86 19.26 5.36 24.07
CA THR O 86 18.81 3.97 24.20
C THR O 86 19.72 3.16 25.11
N SER O 87 20.97 3.57 25.25
CA SER O 87 21.87 2.83 26.12
C SER O 87 21.63 3.07 27.59
N ALA O 88 20.86 4.08 27.96
CA ALA O 88 20.58 4.36 29.37
C ALA O 88 19.50 3.42 29.88
N THR O 89 19.58 3.09 31.17
CA THR O 89 18.59 2.24 31.80
C THR O 89 17.41 3.07 32.26
N MET O 90 16.22 2.45 32.27
CA MET O 90 15.02 3.16 32.69
C MET O 90 15.16 3.74 34.08
N GLY O 91 15.91 3.08 34.96
CA GLY O 91 16.14 3.64 36.28
C GLY O 91 16.89 4.98 36.22
N GLN O 92 17.94 5.05 35.43
CA GLN O 92 18.69 6.30 35.30
C GLN O 92 17.82 7.38 34.67
N LEU O 93 17.06 7.02 33.63
CA LEU O 93 16.17 7.98 32.99
C LEU O 93 15.20 8.54 34.01
N TYR O 94 14.69 7.70 34.92
CA TYR O 94 13.76 8.15 35.95
C TYR O 94 14.43 9.08 36.94
N GLN O 95 15.57 8.65 37.49
CA GLN O 95 16.26 9.51 38.45
C GLN O 95 16.58 10.89 37.87
N GLU O 96 16.81 10.97 36.57
CA GLU O 96 17.13 12.23 35.94
C GLU O 96 15.91 13.05 35.55
N HIS O 97 14.81 12.40 35.17
CA HIS O 97 13.66 13.06 34.61
C HIS O 97 12.35 12.88 35.35
N HIS O 98 12.34 12.22 36.50
CA HIS O 98 11.06 12.04 37.20
C HIS O 98 10.52 13.39 37.65
N GLU O 99 9.20 13.55 37.49
CA GLU O 99 8.51 14.75 37.94
C GLU O 99 8.30 14.70 39.47
N GLU O 100 7.70 15.76 40.01
CA GLU O 100 7.51 15.85 41.44
C GLU O 100 6.39 14.94 41.93
N ASP O 101 5.55 14.42 41.03
CA ASP O 101 4.59 13.38 41.42
C ASP O 101 5.21 11.95 41.46
N PHE O 102 6.54 11.85 41.29
CA PHE O 102 7.33 10.63 41.37
C PHE O 102 7.15 9.76 40.15
N PHE O 103 6.47 10.26 39.12
CA PHE O 103 6.36 9.51 37.88
C PHE O 103 7.30 10.08 36.81
N LEU O 104 7.69 9.22 35.87
CA LEU O 104 8.48 9.59 34.71
C LEU O 104 7.53 9.62 33.52
N TYR O 105 7.46 10.75 32.83
CA TYR O 105 6.55 10.89 31.71
C TYR O 105 7.31 10.75 30.39
N ILE O 106 6.76 9.97 29.46
CA ILE O 106 7.41 9.69 28.18
C ILE O 106 6.37 9.81 27.08
N ALA O 107 6.60 10.71 26.13
CA ALA O 107 5.76 10.77 24.95
C ALA O 107 6.40 9.93 23.86
N TYR O 108 5.59 9.48 22.91
CA TYR O 108 6.07 8.70 21.78
C TYR O 108 5.40 9.22 20.52
N SER O 109 6.16 9.19 19.43
CA SER O 109 5.64 9.63 18.16
C SER O 109 6.22 8.85 17.00
N ASP O 110 5.56 8.99 15.84
CA ASP O 110 6.14 8.52 14.60
C ASP O 110 7.11 9.52 14.01
N GLU O 111 7.17 10.73 14.55
CA GLU O 111 8.02 11.81 14.06
C GLU O 111 9.09 12.20 15.08
N SER O 112 10.13 12.88 14.58
CA SER O 112 11.25 13.32 15.40
C SER O 112 10.97 14.62 16.16
N VAL O 113 9.79 15.20 16.02
CA VAL O 113 9.40 16.40 16.75
C VAL O 113 8.12 16.15 17.54
N TYR O 114 8.13 16.54 18.81
CA TYR O 114 7.00 16.38 19.73
C TYR O 114 5.73 17.12 19.35
N LYS P 1 -14.09 22.66 -12.90
CA LYS P 1 -12.65 22.84 -12.72
C LYS P 1 -12.42 24.14 -11.94
N PHE P 2 -11.17 24.42 -11.57
CA PHE P 2 -10.89 25.68 -10.89
C PHE P 2 -11.00 26.85 -11.86
N VAL P 3 -11.62 27.95 -11.40
CA VAL P 3 -11.72 29.13 -12.25
C VAL P 3 -10.42 29.95 -12.26
N TYR P 4 -9.60 29.87 -11.21
CA TYR P 4 -8.40 30.70 -11.15
C TYR P 4 -7.43 30.35 -12.27
N LYS P 5 -7.32 29.06 -12.62
CA LYS P 5 -6.40 28.65 -13.70
C LYS P 5 -6.95 28.98 -15.08
N GLU P 6 -8.26 29.18 -15.22
CA GLU P 6 -8.86 29.60 -16.49
C GLU P 6 -8.99 31.11 -16.64
N GLU P 7 -9.36 31.85 -15.61
CA GLU P 7 -9.40 33.29 -15.73
C GLU P 7 -8.01 33.94 -15.76
N HIS P 8 -6.94 33.17 -15.54
CA HIS P 8 -5.55 33.60 -15.48
C HIS P 8 -4.66 32.68 -16.32
N PRO P 9 -3.65 33.21 -17.00
CA PRO P 9 -2.80 32.37 -17.86
C PRO P 9 -1.68 31.68 -17.09
N PHE P 10 -1.14 30.61 -17.70
CA PHE P 10 -0.13 29.81 -16.98
C PHE P 10 1.15 30.59 -16.71
N GLU P 11 1.70 31.25 -17.74
CA GLU P 11 3.04 31.86 -17.59
C GLU P 11 3.01 33.01 -16.58
N LYS P 12 1.92 33.77 -16.62
CA LYS P 12 1.69 34.80 -15.60
C LYS P 12 1.63 34.20 -14.21
N ARG P 13 0.86 33.11 -14.06
CA ARG P 13 0.69 32.49 -12.76
C ARG P 13 2.00 31.95 -12.23
N ARG P 14 2.81 31.33 -13.10
CA ARG P 14 4.07 30.75 -12.64
C ARG P 14 5.01 31.82 -12.17
N SER P 15 5.12 32.90 -12.92
CA SER P 15 5.91 34.02 -12.43
C SER P 15 5.38 34.55 -11.10
N GLU P 16 4.07 34.74 -10.98
CA GLU P 16 3.51 35.14 -9.70
C GLU P 16 3.90 34.17 -8.60
N GLY P 17 3.92 32.89 -8.95
CA GLY P 17 4.31 31.85 -8.00
C GLY P 17 5.76 31.96 -7.56
N GLU P 18 6.66 32.15 -8.51
CA GLU P 18 8.06 32.43 -8.17
C GLU P 18 8.19 33.73 -7.37
N LYS P 19 7.41 34.76 -7.73
CA LYS P 19 7.48 36.03 -7.02
C LYS P 19 7.25 35.75 -5.56
N ILE P 20 6.23 34.93 -5.30
CA ILE P 20 5.85 34.57 -3.93
C ILE P 20 6.88 33.64 -3.30
N ARG P 21 7.39 32.67 -4.07
CA ARG P 21 8.32 31.69 -3.52
C ARG P 21 9.62 32.34 -3.08
N LYS P 22 10.16 33.27 -3.86
CA LYS P 22 11.41 33.93 -3.47
C LYS P 22 11.17 35.11 -2.52
N LYS P 23 10.05 35.83 -2.66
CA LYS P 23 9.84 37.01 -1.83
C LYS P 23 9.32 36.62 -0.45
N TYR P 24 8.50 35.57 -0.36
CA TYR P 24 8.00 35.04 0.90
C TYR P 24 8.31 33.54 1.01
N PRO P 25 9.59 33.18 1.15
CA PRO P 25 9.93 31.75 1.10
C PRO P 25 9.39 30.92 2.25
N ASP P 26 9.13 31.54 3.41
CA ASP P 26 8.65 30.81 4.58
C ASP P 26 7.15 30.55 4.56
N ARG P 27 6.45 30.91 3.50
CA ARG P 27 5.01 30.76 3.35
C ARG P 27 4.74 30.02 2.05
N VAL P 28 3.52 29.54 1.88
CA VAL P 28 3.08 28.76 0.72
C VAL P 28 1.89 29.45 0.04
N PRO P 29 1.85 29.60 -1.23
CA PRO P 29 0.68 30.19 -1.90
C PRO P 29 -0.37 29.14 -2.27
N VAL P 30 -1.63 29.39 -1.90
CA VAL P 30 -2.70 28.43 -2.07
C VAL P 30 -3.94 29.10 -2.61
N ILE P 31 -4.55 28.47 -3.62
CA ILE P 31 -5.83 28.86 -4.20
C ILE P 31 -6.92 27.96 -3.63
N VAL P 32 -8.01 28.57 -3.18
CA VAL P 32 -9.12 27.85 -2.57
C VAL P 32 -10.39 28.18 -3.34
N GLU P 33 -11.08 27.16 -3.83
CA GLU P 33 -12.32 27.33 -4.57
C GLU P 33 -13.39 26.35 -4.09
N LYS P 34 -14.64 26.72 -4.34
CA LYS P 34 -15.76 25.84 -4.05
C LYS P 34 -15.88 24.73 -5.08
N ALA P 35 -16.11 23.52 -4.58
CA ALA P 35 -16.34 22.40 -5.47
C ALA P 35 -17.63 22.61 -6.27
N PRO P 36 -17.68 22.11 -7.50
CA PRO P 36 -18.88 22.37 -8.33
C PRO P 36 -20.19 21.94 -7.69
N LYS P 37 -20.30 20.68 -7.25
CA LYS P 37 -21.54 20.14 -6.71
C LYS P 37 -21.76 20.47 -5.24
N ALA P 38 -21.13 21.53 -4.71
CA ALA P 38 -21.20 21.86 -3.29
C ALA P 38 -22.39 22.74 -2.94
N ARG P 39 -22.99 22.48 -1.78
CA ARG P 39 -24.11 23.27 -1.24
C ARG P 39 -23.67 24.11 -0.04
N ILE P 40 -22.44 24.64 -0.10
CA ILE P 40 -21.89 25.45 0.97
C ILE P 40 -21.71 26.88 0.46
N GLY P 41 -21.50 27.80 1.38
CA GLY P 41 -21.36 29.19 0.99
C GLY P 41 -20.10 29.43 0.20
N ASP P 42 -20.09 30.48 -0.61
CA ASP P 42 -18.95 30.74 -1.47
C ASP P 42 -18.01 31.75 -0.85
N LEU P 43 -16.75 31.70 -1.32
CA LEU P 43 -15.68 32.54 -0.80
C LEU P 43 -15.31 33.64 -1.81
N ASP P 44 -15.32 34.89 -1.37
CA ASP P 44 -14.90 35.99 -2.24
C ASP P 44 -13.41 35.90 -2.58
N LYS P 45 -12.56 35.59 -1.62
CA LYS P 45 -11.14 35.49 -1.82
C LYS P 45 -10.76 34.05 -2.09
N LYS P 46 -9.86 33.89 -3.05
CA LYS P 46 -9.33 32.63 -3.51
C LYS P 46 -7.85 32.51 -3.18
N LYS P 47 -7.16 33.63 -2.92
CA LYS P 47 -5.71 33.70 -2.78
C LYS P 47 -5.36 33.73 -1.29
N TYR P 48 -4.51 32.79 -0.85
CA TYR P 48 -4.07 32.74 0.54
C TYR P 48 -2.58 32.45 0.59
N LEU P 49 -1.81 33.21 1.36
CA LEU P 49 -0.40 32.92 1.61
C LEU P 49 -0.27 32.41 3.04
N VAL P 50 0.05 31.13 3.21
CA VAL P 50 -0.05 30.44 4.49
C VAL P 50 1.28 29.92 5.02
N PRO P 51 1.54 29.95 6.31
CA PRO P 51 2.79 29.36 6.81
C PRO P 51 2.92 27.87 6.47
N SER P 52 4.12 27.50 5.99
CA SER P 52 4.42 26.10 5.75
C SER P 52 4.37 25.29 7.03
N ASP P 53 4.32 25.96 8.19
CA ASP P 53 4.25 25.32 9.49
C ASP P 53 2.83 25.04 9.95
N LEU P 54 1.84 25.64 9.28
CA LEU P 54 0.43 25.35 9.53
C LEU P 54 0.04 23.97 9.03
N THR P 55 -0.94 23.36 9.69
CA THR P 55 -1.49 22.06 9.34
C THR P 55 -2.81 22.18 8.58
N VAL P 56 -3.16 21.09 7.89
CA VAL P 56 -4.43 20.99 7.18
C VAL P 56 -5.62 21.28 8.09
N GLY P 57 -5.57 20.80 9.34
CA GLY P 57 -6.67 21.06 10.26
C GLY P 57 -6.79 22.53 10.65
N GLN P 58 -5.66 23.18 10.91
CA GLN P 58 -5.70 24.61 11.21
C GLN P 58 -6.30 25.38 10.04
N PHE P 59 -5.91 25.03 8.82
CA PHE P 59 -6.47 25.67 7.63
C PHE P 59 -7.96 25.35 7.51
N TYR P 60 -8.35 24.12 7.84
CA TYR P 60 -9.77 23.77 7.90
C TYR P 60 -10.53 24.74 8.77
N PHE P 61 -10.01 25.00 9.96
CA PHE P 61 -10.71 25.91 10.87
C PHE P 61 -10.77 27.32 10.31
N LEU P 62 -9.66 27.77 9.71
CA LEU P 62 -9.66 29.11 9.12
C LEU P 62 -10.79 29.24 8.11
N ILE P 63 -10.91 28.26 7.22
CA ILE P 63 -11.92 28.33 6.18
C ILE P 63 -13.32 28.21 6.78
N ARG P 64 -13.50 27.38 7.81
CA ARG P 64 -14.80 27.31 8.47
C ARG P 64 -15.20 28.67 9.03
N LYS P 65 -14.30 29.34 9.75
CA LYS P 65 -14.65 30.63 10.34
C LYS P 65 -14.98 31.66 9.26
N ARG P 66 -14.13 31.78 8.24
CA ARG P 66 -14.35 32.81 7.22
C ARG P 66 -15.60 32.60 6.37
N ILE P 67 -16.17 31.39 6.33
CA ILE P 67 -17.40 31.15 5.57
C ILE P 67 -18.63 31.02 6.46
N HIS P 68 -18.51 31.36 7.74
CA HIS P 68 -19.65 31.36 8.69
C HIS P 68 -20.41 30.04 8.67
N LEU P 69 -19.67 28.96 8.92
CA LEU P 69 -20.18 27.60 8.90
C LEU P 69 -20.45 27.08 10.31
N ARG P 70 -21.57 26.37 10.47
CA ARG P 70 -21.83 25.72 11.74
C ARG P 70 -20.89 24.51 11.88
N ALA P 71 -20.70 24.05 13.12
CA ALA P 71 -19.94 22.82 13.34
C ALA P 71 -20.77 21.61 12.94
N GLU P 72 -22.11 21.68 13.12
CA GLU P 72 -22.96 20.64 12.55
C GLU P 72 -22.80 20.58 11.03
N ASP P 73 -22.35 21.66 10.40
CA ASP P 73 -22.12 21.65 8.96
C ASP P 73 -20.80 20.96 8.66
N ALA P 74 -20.75 20.23 7.57
CA ALA P 74 -19.56 19.49 7.20
C ALA P 74 -18.61 20.36 6.38
N LEU P 75 -17.33 19.98 6.41
CA LEU P 75 -16.32 20.58 5.55
C LEU P 75 -15.23 19.58 5.20
N PHE P 76 -14.96 19.43 3.90
CA PHE P 76 -13.86 18.60 3.41
C PHE P 76 -13.01 19.40 2.42
N PHE P 77 -11.69 19.24 2.53
CA PHE P 77 -10.75 19.81 1.56
C PHE P 77 -10.28 18.72 0.58
N PHE P 78 -10.05 19.12 -0.67
CA PHE P 78 -9.55 18.21 -1.70
C PHE P 78 -8.34 18.85 -2.34
N VAL P 79 -7.19 18.18 -2.28
CA VAL P 79 -6.03 18.68 -2.99
C VAL P 79 -6.08 18.29 -4.46
N ASN P 80 -6.47 17.05 -4.77
CA ASN P 80 -6.39 16.60 -6.15
C ASN P 80 -7.41 15.47 -6.29
N ASN P 81 -8.63 15.74 -5.85
CA ASN P 81 -9.68 14.75 -5.62
C ASN P 81 -9.34 13.83 -4.44
N VAL P 82 -8.45 14.28 -3.55
CA VAL P 82 -8.01 13.50 -2.41
C VAL P 82 -8.04 14.38 -1.17
N ILE P 83 -8.71 13.92 -0.13
CA ILE P 83 -8.74 14.66 1.12
C ILE P 83 -7.37 14.60 1.79
N PRO P 84 -6.76 15.76 2.06
CA PRO P 84 -5.42 15.75 2.65
C PRO P 84 -5.48 15.31 4.09
N PRO P 85 -4.40 14.76 4.62
CA PRO P 85 -4.39 14.41 6.04
C PRO P 85 -4.47 15.66 6.90
N THR P 86 -5.27 15.57 7.96
CA THR P 86 -5.44 16.72 8.84
C THR P 86 -4.15 17.06 9.57
N SER P 87 -3.35 16.04 9.86
CA SER P 87 -2.08 16.17 10.56
C SER P 87 -0.96 16.64 9.67
N ALA P 88 -1.17 16.68 8.36
CA ALA P 88 -0.11 17.08 7.44
C ALA P 88 0.08 18.59 7.53
N THR P 89 1.31 19.03 7.33
CA THR P 89 1.57 20.46 7.28
C THR P 89 1.40 20.97 5.86
N MET P 90 1.02 22.25 5.74
CA MET P 90 0.86 22.87 4.42
C MET P 90 2.15 22.78 3.59
N GLY P 91 3.32 22.84 4.25
CA GLY P 91 4.57 22.79 3.51
C GLY P 91 4.77 21.47 2.78
N GLN P 92 4.53 20.35 3.48
CA GLN P 92 4.65 19.06 2.81
C GLN P 92 3.69 18.98 1.64
N LEU P 93 2.46 19.46 1.83
CA LEU P 93 1.50 19.42 0.74
C LEU P 93 1.95 20.22 -0.47
N TYR P 94 2.51 21.41 -0.25
CA TYR P 94 2.99 22.16 -1.41
C TYR P 94 4.11 21.39 -2.11
N GLN P 95 5.14 21.00 -1.36
CA GLN P 95 6.28 20.32 -1.96
C GLN P 95 5.85 19.11 -2.77
N GLU P 96 4.79 18.42 -2.37
CA GLU P 96 4.43 17.25 -3.16
C GLU P 96 3.39 17.51 -4.25
N HIS P 97 2.43 18.43 -4.05
CA HIS P 97 1.31 18.56 -4.97
C HIS P 97 1.19 19.93 -5.63
N HIS P 98 2.18 20.80 -5.46
CA HIS P 98 2.20 22.10 -6.11
C HIS P 98 2.20 21.92 -7.62
N GLU P 99 1.38 22.72 -8.30
CA GLU P 99 1.30 22.67 -9.75
C GLU P 99 2.50 23.36 -10.38
N GLU P 100 2.56 23.34 -11.71
CA GLU P 100 3.74 23.89 -12.37
C GLU P 100 3.76 25.41 -12.32
N ASP P 101 2.65 26.05 -12.00
CA ASP P 101 2.61 27.49 -11.76
C ASP P 101 3.05 27.85 -10.35
N PHE P 102 3.44 26.84 -9.54
CA PHE P 102 3.93 27.01 -8.17
C PHE P 102 2.85 27.41 -7.17
N PHE P 103 1.59 27.17 -7.50
CA PHE P 103 0.49 27.29 -6.56
C PHE P 103 0.01 25.90 -6.19
N LEU P 104 -0.49 25.77 -4.97
CA LEU P 104 -1.18 24.58 -4.51
C LEU P 104 -2.66 24.91 -4.60
N TYR P 105 -3.43 24.08 -5.31
CA TYR P 105 -4.86 24.30 -5.42
C TYR P 105 -5.64 23.36 -4.50
N ILE P 106 -6.64 23.92 -3.83
CA ILE P 106 -7.43 23.19 -2.84
C ILE P 106 -8.90 23.53 -3.05
N ALA P 107 -9.72 22.53 -3.32
CA ALA P 107 -11.16 22.68 -3.39
C ALA P 107 -11.78 22.32 -2.04
N TYR P 108 -12.99 22.80 -1.81
CA TYR P 108 -13.68 22.47 -0.59
C TYR P 108 -15.14 22.15 -0.90
N SER P 109 -15.68 21.20 -0.14
CA SER P 109 -17.07 20.81 -0.32
C SER P 109 -17.69 20.40 1.00
N ASP P 110 -19.03 20.35 1.01
CA ASP P 110 -19.78 19.77 2.11
C ASP P 110 -19.91 18.26 2.03
N GLU P 111 -19.47 17.63 0.95
CA GLU P 111 -19.53 16.18 0.78
C GLU P 111 -18.13 15.60 0.80
N SER P 112 -18.03 14.32 1.14
CA SER P 112 -16.74 13.66 1.31
C SER P 112 -16.15 13.14 -0.01
N VAL P 113 -16.83 13.30 -1.13
CA VAL P 113 -16.27 12.95 -2.44
C VAL P 113 -16.37 14.18 -3.33
N TYR P 114 -15.25 14.55 -3.96
CA TYR P 114 -15.25 15.74 -4.81
C TYR P 114 -16.17 15.55 -6.00
N GLY P 115 -16.88 16.62 -6.34
CA GLY P 115 -17.79 16.62 -7.46
C GLY P 115 -18.36 18.01 -7.63
C ACT Q . -23.66 12.51 -5.26
O ACT Q . -24.38 11.55 -5.70
OXT ACT Q . -23.96 13.73 -5.14
CH3 ACT Q . -22.24 12.12 -4.83
H1 ACT Q . -22.17 12.22 -3.86
H2 ACT Q . -21.60 12.70 -5.26
H3 ACT Q . -22.07 11.19 -5.07
C1 GOL R . -12.45 -5.39 -14.33
O1 GOL R . -12.88 -6.75 -14.27
C2 GOL R . -13.76 -4.54 -14.33
O2 GOL R . -14.72 -5.07 -13.50
C3 GOL R . -13.30 -3.14 -13.92
O3 GOL R . -14.32 -2.25 -14.34
H11 GOL R . -11.93 -5.19 -15.12
H12 GOL R . -11.90 -5.14 -13.57
HO1 GOL R . -12.20 -7.22 -14.05
H2 GOL R . -14.17 -4.53 -15.22
HO2 GOL R . -14.82 -5.91 -13.70
H31 GOL R . -12.43 -2.96 -14.31
H32 GOL R . -13.15 -3.13 -12.96
HO3 GOL R . -15.03 -2.69 -14.39
C ACT S . -14.50 1.25 9.84
O ACT S . -13.35 1.24 10.38
OXT ACT S . -15.19 2.23 9.45
CH3 ACT S . -15.16 -0.11 9.57
H1 ACT S . -15.89 -0.25 10.20
H2 ACT S . -14.50 -0.82 9.67
H3 ACT S . -15.51 -0.13 8.66
C1 GOL T . -41.28 -9.71 29.34
O1 GOL T . -40.30 -9.38 30.31
C2 GOL T . -42.03 -8.41 28.94
O2 GOL T . -41.87 -7.38 29.85
C3 GOL T . -41.56 -8.00 27.51
O3 GOL T . -40.13 -8.09 27.41
H11 GOL T . -41.92 -10.35 29.68
H12 GOL T . -40.88 -10.09 28.54
HO1 GOL T . -39.62 -9.10 29.88
H2 GOL T . -42.98 -8.62 28.92
HO2 GOL T . -41.06 -7.38 30.13
H31 GOL T . -41.89 -7.11 27.33
H32 GOL T . -42.01 -8.59 26.87
HO3 GOL T . -39.82 -7.56 28.00
C1 GOL U . 13.39 -16.85 -9.31
O1 GOL U . 13.53 -18.06 -8.61
C2 GOL U . 12.56 -17.15 -10.58
O2 GOL U . 12.54 -16.06 -11.49
C3 GOL U . 13.10 -18.44 -11.22
O3 GOL U . 14.35 -18.71 -10.69
H11 GOL U . 14.23 -16.46 -9.57
H12 GOL U . 12.93 -16.17 -8.79
HO1 GOL U . 12.75 -18.34 -8.43
H2 GOL U . 11.63 -17.31 -10.31
HO2 GOL U . 12.84 -15.37 -11.08
H31 GOL U . 13.12 -18.31 -12.19
H32 GOL U . 12.46 -19.15 -11.08
HO3 GOL U . 14.88 -18.12 -11.01
C1 GOL V . -11.90 -3.59 -17.44
O1 GOL V . -10.99 -2.54 -17.78
C2 GOL V . -13.19 -3.46 -18.30
O2 GOL V . -14.07 -2.48 -17.78
C3 GOL V . -12.73 -3.17 -19.74
O3 GOL V . -13.44 -2.03 -20.22
H11 GOL V . -12.16 -3.56 -16.50
H12 GOL V . -11.51 -4.46 -17.58
HO1 GOL V . -10.74 -2.18 -17.06
H2 GOL V . -13.70 -4.28 -18.30
HO2 GOL V . -14.38 -2.78 -17.06
H31 GOL V . -12.88 -3.97 -20.27
H32 GOL V . -11.77 -3.05 -19.73
HO3 GOL V . -14.09 -1.91 -19.70
C1 GOL W . 17.12 -20.99 -13.82
O1 GOL W . 17.07 -22.40 -13.98
C2 GOL W . 15.76 -20.30 -14.11
O2 GOL W . 15.50 -19.40 -13.07
C3 GOL W . 15.94 -19.63 -15.48
O3 GOL W . 15.87 -20.69 -16.41
H11 GOL W . 17.79 -20.59 -14.40
H12 GOL W . 17.39 -20.75 -12.91
HO1 GOL W . 17.33 -22.57 -14.79
H2 GOL W . 15.02 -20.92 -14.15
HO2 GOL W . 15.10 -18.71 -13.41
H31 GOL W . 16.78 -19.16 -15.49
H32 GOL W . 15.26 -18.96 -15.60
HO3 GOL W . 16.54 -21.20 -16.22
C1 GOL X . 26.08 19.47 6.43
O1 GOL X . 27.24 20.02 7.11
C2 GOL X . 26.00 17.96 6.81
O2 GOL X . 27.22 17.54 7.38
C3 GOL X . 24.78 17.80 7.80
O3 GOL X . 24.47 16.41 7.90
H11 GOL X . 26.15 19.55 5.46
H12 GOL X . 25.26 19.91 6.68
HO1 GOL X . 27.24 19.72 7.92
H2 GOL X . 25.84 17.41 6.03
HO2 GOL X . 27.05 17.25 8.16
H31 GOL X . 24.04 18.34 7.46
H32 GOL X . 25.02 18.21 8.64
HO3 GOL X . 25.18 15.97 7.65
C1 GOL Y . 15.19 6.01 15.66
O1 GOL Y . 14.78 5.76 16.99
C2 GOL Y . 14.43 5.07 14.76
O2 GOL Y . 13.04 5.32 14.71
C3 GOL Y . 15.01 5.33 13.33
O3 GOL Y . 14.34 4.43 12.44
H11 GOL Y . 16.15 5.86 15.53
H12 GOL Y . 15.03 6.92 15.38
HO1 GOL Y . 14.23 5.09 16.97
H2 GOL Y . 14.55 4.17 15.09
HO2 GOL Y . 12.92 6.16 14.59
H31 GOL Y . 15.97 5.20 13.35
H32 GOL Y . 14.87 6.26 13.10
HO3 GOL Y . 14.15 4.84 11.73
#